data_3OO2
#
_entry.id   3OO2
#
_cell.length_a   47.735
_cell.length_b   118.310
_cell.length_c   129.008
_cell.angle_alpha   90.00
_cell.angle_beta   90.00
_cell.angle_gamma   90.00
#
_symmetry.space_group_name_H-M   'P 21 21 21'
#
loop_
_entity.id
_entity.type
_entity.pdbx_description
1 polymer 'Alanine racemase 1'
2 non-polymer 'SODIUM ION'
3 non-polymer BETA-MERCAPTOETHANOL
4 non-polymer 'PHOSPHATE ION'
5 water water
#
_entity_poly.entity_id   1
_entity_poly.type   'polypeptide(L)'
_entity_poly.pdbx_seq_one_letter_code
;SNAMSDKYYRSAYMNVDLNAVASNFKVFSTLHPNKTVMAVVKANAYGLGSVKVARHLMENGATFFAVATLDEAIELRMHG
ITAKILVLGVLPAKDIDKAIQHRVALTVPSKQWLKEAIKNISGEQEKKLWLHIKLDTGMGRLGIKDTKTYQEVIEIIQQY
EQLVFEGVFTHFACADEPGDMTTEQYQRFKDMVNEAIKPEYIHCQNSAGSLLMDCQFCNAIRPGISLYGYYPSEYVQQKV
KVHLKPSVQLIANVVQTKTLQAGESVSYGATYTATDPTTIALLPIGYADGYLRIMQGSFVNVNGHQCEVIGRVCMDQTIV
KVPDQVKAGDSVILIDNHRESPQSVEVVAEKQHTINYEVLCNLSRRLPRIYHDGDQRFVTNELLK
;
_entity_poly.pdbx_strand_id   A,B
#
loop_
_chem_comp.id
_chem_comp.type
_chem_comp.name
_chem_comp.formula
BME non-polymer BETA-MERCAPTOETHANOL 'C2 H6 O S'
NA non-polymer 'SODIUM ION' 'Na 1'
PO4 non-polymer 'PHOSPHATE ION' 'O4 P -3'
#
# COMPACT_ATOMS: atom_id res chain seq x y z
N SER A 5 -3.55 -21.61 -1.54
CA SER A 5 -3.09 -20.87 -2.75
C SER A 5 -4.26 -20.17 -3.42
N ASP A 6 -4.32 -18.86 -3.27
CA ASP A 6 -5.40 -18.04 -3.81
C ASP A 6 -5.39 -17.91 -5.33
N LYS A 7 -6.55 -17.58 -5.87
CA LYS A 7 -6.70 -17.34 -7.31
C LYS A 7 -6.40 -15.85 -7.54
N TYR A 8 -6.00 -15.48 -8.76
CA TYR A 8 -5.85 -14.07 -9.12
C TYR A 8 -6.37 -13.83 -10.51
N TYR A 9 -7.01 -12.69 -10.76
CA TYR A 9 -7.61 -12.40 -12.06
C TYR A 9 -7.19 -11.09 -12.73
N ARG A 10 -5.90 -10.77 -12.60
CA ARG A 10 -5.30 -9.63 -13.27
C ARG A 10 -3.81 -9.95 -13.33
N SER A 11 -3.26 -9.88 -14.52
CA SER A 11 -1.89 -10.24 -14.72
C SER A 11 -0.93 -9.12 -14.33
N ALA A 12 -0.83 -8.94 -13.02
CA ALA A 12 0.02 -7.98 -12.37
C ALA A 12 0.28 -8.62 -11.01
N TYR A 13 1.54 -8.90 -10.71
CA TYR A 13 1.90 -9.60 -9.48
C TYR A 13 3.36 -9.47 -9.17
N MET A 14 3.68 -9.84 -7.95
CA MET A 14 5.06 -9.89 -7.49
C MET A 14 5.48 -11.35 -7.44
N ASN A 15 6.66 -11.63 -7.94
CA ASN A 15 7.23 -12.97 -7.82
C ASN A 15 8.07 -12.84 -6.58
N VAL A 16 7.94 -13.75 -5.62
CA VAL A 16 8.81 -13.76 -4.40
C VAL A 16 9.58 -15.09 -4.41
N ASP A 17 10.89 -15.01 -4.52
CA ASP A 17 11.74 -16.20 -4.56
C ASP A 17 12.13 -16.62 -3.12
N LEU A 18 11.47 -17.65 -2.59
CA LEU A 18 11.77 -18.12 -1.24
C LEU A 18 13.14 -18.84 -1.10
N ASN A 19 13.69 -19.34 -2.18
CA ASN A 19 14.96 -20.00 -2.10
C ASN A 19 16.00 -18.93 -1.92
N ALA A 20 15.77 -17.77 -2.55
CA ALA A 20 16.70 -16.67 -2.42
C ALA A 20 16.66 -16.21 -0.98
N VAL A 21 15.48 -16.14 -0.40
CA VAL A 21 15.38 -15.67 1.00
C VAL A 21 16.05 -16.66 1.95
N ALA A 22 15.93 -17.95 1.67
CA ALA A 22 16.59 -18.95 2.51
C ALA A 22 18.12 -18.88 2.33
N SER A 23 18.60 -18.53 1.13
CA SER A 23 20.06 -18.42 0.93
C SER A 23 20.59 -17.25 1.71
N ASN A 24 19.88 -16.13 1.64
CA ASN A 24 20.30 -14.95 2.35
C ASN A 24 20.36 -15.23 3.84
N PHE A 25 19.40 -16.00 4.35
CA PHE A 25 19.36 -16.32 5.79
C PHE A 25 20.56 -17.15 6.22
N LYS A 26 20.98 -18.07 5.34
CA LYS A 26 22.13 -18.93 5.62
C LYS A 26 23.40 -18.07 5.62
N VAL A 27 23.50 -17.17 4.65
CA VAL A 27 24.63 -16.25 4.60
C VAL A 27 24.80 -15.62 5.98
N PHE A 28 23.69 -15.23 6.61
CA PHE A 28 23.73 -14.65 7.93
C PHE A 28 24.02 -15.69 9.02
N SER A 29 23.49 -16.90 8.88
CA SER A 29 23.76 -17.95 9.84
C SER A 29 25.25 -18.25 9.79
N THR A 30 25.77 -18.39 8.57
CA THR A 30 27.16 -18.70 8.34
C THR A 30 28.09 -17.58 8.85
N LEU A 31 27.73 -16.32 8.59
CA LEU A 31 28.55 -15.20 9.08
C LEU A 31 28.59 -15.16 10.61
N HIS A 32 27.50 -15.50 11.26
CA HIS A 32 27.47 -15.50 12.71
C HIS A 32 26.98 -16.84 13.22
N PRO A 33 27.86 -17.85 13.21
CA PRO A 33 27.49 -19.21 13.61
C PRO A 33 27.20 -19.43 15.09
N ASN A 34 27.65 -18.53 15.96
CA ASN A 34 27.41 -18.72 17.38
C ASN A 34 26.20 -17.95 17.88
N LYS A 35 25.53 -17.26 16.96
CA LYS A 35 24.37 -16.43 17.33
C LYS A 35 23.03 -16.94 16.80
N THR A 36 21.98 -16.48 17.47
CA THR A 36 20.59 -16.73 17.12
C THR A 36 20.21 -15.70 16.03
N VAL A 37 19.73 -16.16 14.88
CA VAL A 37 19.35 -15.21 13.81
C VAL A 37 17.92 -14.80 14.01
N MET A 38 17.70 -13.59 14.47
CA MET A 38 16.37 -13.15 14.71
C MET A 38 15.86 -12.51 13.41
N ALA A 39 15.17 -13.31 12.61
CA ALA A 39 14.67 -12.90 11.29
C ALA A 39 13.67 -11.74 11.44
N VAL A 40 13.93 -10.63 10.76
CA VAL A 40 13.03 -9.48 10.90
C VAL A 40 12.03 -9.51 9.76
N VAL A 41 10.77 -9.72 10.12
CA VAL A 41 9.68 -9.85 9.15
C VAL A 41 8.62 -8.80 9.39
N LYS A 42 9.01 -7.69 9.99
CA LYS A 42 8.09 -6.58 10.22
C LYS A 42 7.65 -6.03 8.85
N ALA A 43 6.57 -5.24 8.88
CA ALA A 43 5.96 -4.64 7.69
C ALA A 43 5.65 -5.72 6.66
N ASN A 44 5.19 -6.86 7.13
CA ASN A 44 4.81 -7.93 6.24
C ASN A 44 6.03 -8.43 5.45
N ALA A 45 7.15 -8.53 6.16
CA ALA A 45 8.42 -8.93 5.62
C ALA A 45 8.78 -8.05 4.45
N TYR A 46 8.77 -6.75 4.73
CA TYR A 46 9.13 -5.73 3.76
C TYR A 46 8.33 -5.77 2.45
N GLY A 47 7.08 -6.22 2.50
CA GLY A 47 6.26 -6.27 1.32
C GLY A 47 6.08 -7.64 0.72
N LEU A 48 6.99 -8.56 1.02
CA LEU A 48 6.93 -9.93 0.49
C LEU A 48 5.87 -10.89 1.06
N GLY A 49 5.43 -10.66 2.30
CA GLY A 49 4.46 -11.51 3.04
C GLY A 49 5.07 -12.14 4.30
N SER A 50 4.75 -11.61 5.48
CA SER A 50 5.27 -12.17 6.75
C SER A 50 5.06 -13.67 6.91
N VAL A 51 3.84 -14.11 6.69
CA VAL A 51 3.46 -15.48 6.97
C VAL A 51 4.22 -16.50 6.13
N LYS A 52 4.12 -16.36 4.83
CA LYS A 52 4.81 -17.28 3.96
C LYS A 52 6.31 -17.22 4.14
N VAL A 53 6.92 -16.04 4.34
CA VAL A 53 8.37 -16.04 4.49
C VAL A 53 8.74 -16.67 5.83
N ALA A 54 7.93 -16.39 6.87
CA ALA A 54 8.22 -16.93 8.19
C ALA A 54 8.07 -18.47 8.21
N ARG A 55 7.02 -18.99 7.59
CA ARG A 55 6.85 -20.43 7.55
C ARG A 55 8.09 -21.00 6.91
N HIS A 56 8.45 -20.41 5.77
CA HIS A 56 9.55 -20.88 4.99
C HIS A 56 10.85 -20.86 5.74
N LEU A 57 11.13 -19.74 6.40
CA LEU A 57 12.34 -19.63 7.17
C LEU A 57 12.35 -20.62 8.33
N MET A 58 11.19 -20.91 8.92
CA MET A 58 11.18 -21.91 10.01
C MET A 58 11.60 -23.28 9.47
N GLU A 59 11.13 -23.62 8.28
CA GLU A 59 11.47 -24.89 7.65
C GLU A 59 12.97 -24.95 7.40
N ASN A 60 13.61 -23.80 7.37
CA ASN A 60 15.06 -23.69 7.21
C ASN A 60 15.83 -23.32 8.48
N GLY A 61 15.25 -23.64 9.64
CA GLY A 61 15.94 -23.40 10.92
C GLY A 61 15.79 -22.08 11.68
N ALA A 62 14.97 -21.14 11.21
CA ALA A 62 14.81 -19.91 11.95
C ALA A 62 14.00 -20.20 13.22
N THR A 63 14.46 -19.70 14.34
CA THR A 63 13.77 -19.94 15.60
C THR A 63 13.33 -18.65 16.28
N PHE A 64 13.50 -17.52 15.63
CA PHE A 64 13.13 -16.28 16.29
C PHE A 64 12.88 -15.22 15.24
N PHE A 65 11.74 -14.56 15.37
CA PHE A 65 11.37 -13.47 14.47
C PHE A 65 11.15 -12.17 15.25
N ALA A 66 11.30 -11.06 14.55
CA ALA A 66 11.05 -9.73 15.10
C ALA A 66 10.03 -9.04 14.18
N VAL A 67 9.04 -8.38 14.78
CA VAL A 67 8.02 -7.65 14.04
C VAL A 67 7.95 -6.26 14.63
N ALA A 68 7.13 -5.41 14.04
CA ALA A 68 6.96 -4.04 14.54
C ALA A 68 5.79 -3.91 15.49
N THR A 69 4.74 -4.67 15.23
CA THR A 69 3.49 -4.54 16.00
C THR A 69 2.94 -5.86 16.51
N LEU A 70 2.21 -5.79 17.61
CA LEU A 70 1.56 -6.96 18.11
C LEU A 70 0.61 -7.54 17.02
N ASP A 71 -0.01 -6.69 16.19
CA ASP A 71 -0.90 -7.20 15.15
C ASP A 71 -0.09 -8.12 14.26
N GLU A 72 1.13 -7.70 13.94
CA GLU A 72 1.98 -8.52 13.09
C GLU A 72 2.31 -9.84 13.75
N ALA A 73 2.46 -9.83 15.08
CA ALA A 73 2.79 -11.03 15.85
C ALA A 73 1.61 -11.98 15.89
N ILE A 74 0.44 -11.48 16.23
CA ILE A 74 -0.74 -12.34 16.32
C ILE A 74 -1.01 -12.95 14.92
N GLU A 75 -0.78 -12.19 13.85
CA GLU A 75 -0.95 -12.68 12.48
C GLU A 75 -0.10 -13.93 12.22
N LEU A 76 1.15 -13.92 12.63
CA LEU A 76 2.00 -15.09 12.45
C LEU A 76 1.49 -16.21 13.30
N ARG A 77 1.04 -15.89 14.51
CA ARG A 77 0.50 -16.90 15.41
C ARG A 77 -0.80 -17.51 14.86
N MET A 78 -1.66 -16.70 14.25
CA MET A 78 -2.92 -17.24 13.71
C MET A 78 -2.69 -18.12 12.49
N HIS A 79 -1.47 -18.13 11.96
CA HIS A 79 -1.16 -18.91 10.78
C HIS A 79 -0.07 -19.94 11.04
N GLY A 80 -0.01 -20.44 12.27
CA GLY A 80 0.88 -21.56 12.59
C GLY A 80 2.33 -21.32 12.91
N ILE A 81 2.78 -20.07 12.97
CA ILE A 81 4.15 -19.82 13.37
C ILE A 81 4.28 -19.95 14.88
N THR A 82 5.14 -20.85 15.35
CA THR A 82 5.31 -21.11 16.75
C THR A 82 6.68 -20.68 17.27
N ALA A 83 7.56 -20.21 16.40
CA ALA A 83 8.86 -19.76 16.88
C ALA A 83 8.66 -18.55 17.83
N LYS A 84 9.72 -18.13 18.48
CA LYS A 84 9.62 -16.98 19.34
C LYS A 84 9.36 -15.76 18.48
N ILE A 85 8.60 -14.82 19.01
CA ILE A 85 8.36 -13.61 18.29
C ILE A 85 8.52 -12.43 19.20
N LEU A 86 9.36 -11.47 18.79
CA LEU A 86 9.57 -10.21 19.51
C LEU A 86 8.98 -9.00 18.79
N VAL A 87 8.13 -8.28 19.49
CA VAL A 87 7.58 -7.04 18.97
C VAL A 87 8.56 -5.87 19.27
N LEU A 88 9.05 -5.21 18.22
CA LEU A 88 10.00 -4.10 18.32
C LEU A 88 9.42 -2.75 18.70
N GLY A 89 8.11 -2.56 18.59
CA GLY A 89 7.49 -1.30 18.95
C GLY A 89 7.00 -1.32 20.37
N VAL A 90 6.32 -0.26 20.75
CA VAL A 90 5.80 -0.08 22.06
C VAL A 90 4.31 -0.43 22.03
N LEU A 91 3.91 -1.43 22.78
CA LEU A 91 2.52 -1.89 22.83
C LEU A 91 1.69 -0.96 23.73
N PRO A 92 0.49 -0.63 23.29
CA PRO A 92 -0.37 0.13 24.19
C PRO A 92 -0.57 -0.70 25.45
N ALA A 93 -0.43 -0.07 26.61
CA ALA A 93 -0.55 -0.74 27.87
C ALA A 93 -1.79 -1.64 27.95
N LYS A 94 -2.92 -1.20 27.39
CA LYS A 94 -4.19 -1.97 27.45
C LYS A 94 -4.10 -3.38 26.94
N ASP A 95 -3.20 -3.59 25.98
CA ASP A 95 -3.12 -4.85 25.24
C ASP A 95 -2.14 -5.89 25.79
N ILE A 96 -1.60 -5.63 26.97
CA ILE A 96 -0.62 -6.53 27.56
C ILE A 96 -1.10 -8.00 27.68
N ASP A 97 -2.38 -8.21 28.03
CA ASP A 97 -2.95 -9.57 28.13
C ASP A 97 -2.90 -10.35 26.81
N LYS A 98 -3.12 -9.66 25.69
CA LYS A 98 -3.03 -10.33 24.39
C LYS A 98 -1.63 -10.77 24.03
N ALA A 99 -0.61 -10.06 24.50
CA ALA A 99 0.76 -10.46 24.21
C ALA A 99 1.04 -11.72 25.03
N ILE A 100 0.60 -11.72 26.27
CA ILE A 100 0.82 -12.86 27.15
C ILE A 100 0.12 -14.11 26.60
N GLN A 101 -1.17 -13.97 26.30
CA GLN A 101 -1.97 -15.01 25.69
C GLN A 101 -1.28 -15.64 24.48
N HIS A 102 -0.85 -14.78 23.54
CA HIS A 102 -0.22 -15.24 22.30
C HIS A 102 1.30 -15.56 22.32
N ARG A 103 1.89 -15.62 23.52
N ARG A 103 1.88 -15.60 23.52
CA ARG A 103 3.31 -15.96 23.67
CA ARG A 103 3.30 -15.96 23.68
C ARG A 103 4.24 -15.02 22.90
C ARG A 103 4.23 -15.02 22.91
N VAL A 104 3.95 -13.73 22.98
CA VAL A 104 4.73 -12.74 22.23
C VAL A 104 5.60 -11.89 23.13
N ALA A 105 6.90 -11.84 22.87
CA ALA A 105 7.77 -11.05 23.71
C ALA A 105 7.54 -9.58 23.37
N LEU A 106 7.90 -8.69 24.28
CA LEU A 106 7.66 -7.27 24.07
C LEU A 106 8.86 -6.41 24.40
N THR A 107 8.93 -5.26 23.72
CA THR A 107 10.00 -4.30 23.95
C THR A 107 9.60 -3.37 25.07
N VAL A 108 10.53 -3.14 25.99
CA VAL A 108 10.33 -2.22 27.07
C VAL A 108 11.14 -0.98 26.69
N PRO A 109 10.47 0.09 26.27
CA PRO A 109 11.19 1.25 25.85
C PRO A 109 11.54 2.16 27.01
N SER A 110 10.77 2.08 28.10
CA SER A 110 10.95 2.94 29.28
C SER A 110 10.48 2.30 30.56
N LYS A 111 10.84 2.89 31.70
CA LYS A 111 10.33 2.41 32.98
C LYS A 111 8.83 2.70 33.08
N GLN A 112 8.42 3.89 32.64
CA GLN A 112 7.01 4.29 32.68
C GLN A 112 6.12 3.26 31.98
N TRP A 113 6.58 2.81 30.81
CA TRP A 113 5.82 1.84 30.02
C TRP A 113 5.65 0.57 30.83
N LEU A 114 6.76 0.03 31.34
CA LEU A 114 6.67 -1.17 32.14
C LEU A 114 5.69 -0.99 33.30
N LYS A 115 5.78 0.13 34.01
CA LYS A 115 4.89 0.37 35.16
C LYS A 115 3.43 0.41 34.75
N GLU A 116 3.13 1.00 33.61
CA GLU A 116 1.76 1.05 33.14
C GLU A 116 1.28 -0.32 32.61
N ALA A 117 2.21 -1.08 32.02
CA ALA A 117 1.89 -2.39 31.48
C ALA A 117 1.49 -3.34 32.59
N ILE A 118 2.21 -3.30 33.69
CA ILE A 118 1.89 -4.15 34.85
C ILE A 118 0.48 -3.89 35.34
N LYS A 119 0.14 -2.61 35.47
CA LYS A 119 -1.20 -2.23 35.97
C LYS A 119 -2.32 -2.75 35.12
N ASN A 120 -2.05 -3.06 33.85
CA ASN A 120 -3.10 -3.57 32.96
C ASN A 120 -3.12 -5.09 32.90
N ILE A 121 -2.19 -5.72 33.63
CA ILE A 121 -2.17 -7.16 33.70
C ILE A 121 -3.25 -7.62 34.66
N SER A 122 -4.38 -8.05 34.10
CA SER A 122 -5.45 -8.60 34.89
C SER A 122 -4.83 -9.97 35.15
N GLY A 123 -5.52 -10.85 35.84
CA GLY A 123 -4.94 -12.17 36.09
C GLY A 123 -5.42 -13.24 35.13
N GLU A 124 -6.20 -12.85 34.11
CA GLU A 124 -6.78 -13.83 33.18
C GLU A 124 -5.73 -14.59 32.35
N GLN A 125 -4.64 -13.91 32.04
CA GLN A 125 -3.55 -14.47 31.27
C GLN A 125 -2.36 -14.68 32.22
N GLU A 126 -2.15 -15.95 32.57
CA GLU A 126 -1.14 -16.36 33.56
C GLU A 126 0.22 -16.91 33.04
N LYS A 127 0.39 -17.02 31.73
CA LYS A 127 1.65 -17.47 31.15
C LYS A 127 2.66 -16.35 31.36
N LYS A 128 3.93 -16.60 31.05
CA LYS A 128 4.97 -15.61 31.25
C LYS A 128 4.89 -14.45 30.27
N LEU A 129 5.36 -13.29 30.73
CA LEU A 129 5.45 -12.10 29.89
C LEU A 129 6.93 -11.91 29.59
N TRP A 130 7.36 -12.32 28.40
CA TRP A 130 8.76 -12.18 28.04
C TRP A 130 9.07 -10.74 27.61
N LEU A 131 10.12 -10.17 28.20
CA LEU A 131 10.50 -8.79 27.95
C LEU A 131 11.94 -8.61 27.45
N HIS A 132 12.11 -7.80 26.41
CA HIS A 132 13.43 -7.39 25.91
C HIS A 132 13.53 -5.90 26.14
N ILE A 133 14.55 -5.47 26.86
CA ILE A 133 14.71 -4.07 27.19
C ILE A 133 15.45 -3.37 26.10
N LYS A 134 14.90 -2.27 25.64
CA LYS A 134 15.57 -1.51 24.60
C LYS A 134 16.41 -0.42 25.23
N LEU A 135 17.68 -0.34 24.84
CA LEU A 135 18.58 0.68 25.33
C LEU A 135 18.89 1.73 24.25
N ASP A 136 19.00 2.98 24.68
CA ASP A 136 19.35 4.10 23.81
C ASP A 136 20.82 4.34 24.05
N THR A 137 21.63 4.16 23.00
CA THR A 137 23.06 4.34 23.08
C THR A 137 23.63 5.44 22.15
N GLY A 138 22.85 5.90 21.17
CA GLY A 138 23.32 6.95 20.24
C GLY A 138 22.27 7.95 19.87
N MET A 139 21.95 8.08 18.58
CA MET A 139 20.86 8.98 18.19
C MET A 139 19.72 8.44 18.98
N GLY A 140 19.55 9.00 20.16
CA GLY A 140 18.53 8.55 21.05
C GLY A 140 17.14 8.83 20.57
N ARG A 141 16.41 7.76 20.35
CA ARG A 141 15.00 7.84 20.02
C ARG A 141 14.24 7.12 21.14
N LEU A 142 14.09 5.81 20.99
CA LEU A 142 13.36 5.02 21.93
C LEU A 142 14.36 4.25 22.77
N GLY A 143 14.02 3.96 24.01
CA GLY A 143 14.93 3.17 24.82
C GLY A 143 15.39 3.86 26.05
N ILE A 144 15.99 3.10 26.94
CA ILE A 144 16.49 3.62 28.19
C ILE A 144 17.92 4.09 27.98
N LYS A 145 18.20 5.31 28.43
CA LYS A 145 19.50 5.93 28.21
C LYS A 145 20.52 5.78 29.34
N ASP A 146 20.06 5.82 30.59
CA ASP A 146 20.95 5.72 31.75
C ASP A 146 20.93 4.32 32.40
N THR A 147 22.09 3.86 32.87
CA THR A 147 22.20 2.50 33.44
C THR A 147 21.40 2.32 34.74
N LYS A 148 21.30 3.37 35.54
CA LYS A 148 20.52 3.33 36.79
C LYS A 148 19.07 2.92 36.53
N THR A 149 18.40 3.64 35.62
CA THR A 149 17.01 3.36 35.29
C THR A 149 16.87 1.94 34.74
N TYR A 150 17.92 1.51 34.03
CA TYR A 150 17.99 0.18 33.46
C TYR A 150 17.96 -0.85 34.56
N GLN A 151 18.78 -0.65 35.60
CA GLN A 151 18.82 -1.58 36.73
C GLN A 151 17.48 -1.58 37.46
N GLU A 152 16.86 -0.41 37.54
CA GLU A 152 15.58 -0.30 38.20
C GLU A 152 14.48 -1.08 37.46
N VAL A 153 14.54 -1.12 36.14
CA VAL A 153 13.54 -1.84 35.37
C VAL A 153 13.75 -3.34 35.56
N ILE A 154 15.01 -3.76 35.51
CA ILE A 154 15.33 -5.15 35.78
C ILE A 154 14.85 -5.50 37.18
N GLU A 155 15.10 -4.62 38.12
CA GLU A 155 14.72 -4.84 39.51
C GLU A 155 13.21 -4.99 39.63
N ILE A 156 12.46 -4.27 38.81
CA ILE A 156 10.99 -4.36 38.81
C ILE A 156 10.51 -5.72 38.28
N ILE A 157 11.12 -6.14 37.19
CA ILE A 157 10.85 -7.40 36.56
C ILE A 157 11.10 -8.54 37.54
N GLN A 158 12.13 -8.40 38.39
CA GLN A 158 12.43 -9.44 39.38
C GLN A 158 11.43 -9.52 40.58
N GLN A 159 10.49 -8.58 40.70
CA GLN A 159 9.49 -8.63 41.81
C GLN A 159 8.35 -9.57 41.40
N TYR A 160 8.12 -9.71 40.09
CA TYR A 160 7.02 -10.53 39.57
C TYR A 160 7.57 -11.76 38.87
N GLU A 161 7.10 -12.92 39.32
CA GLU A 161 7.51 -14.19 38.73
C GLU A 161 7.05 -14.33 37.30
N GLN A 162 5.95 -13.67 36.95
CA GLN A 162 5.37 -13.76 35.63
C GLN A 162 6.14 -13.01 34.53
N LEU A 163 6.95 -12.03 34.92
CA LEU A 163 7.74 -11.22 33.98
C LEU A 163 9.18 -11.75 33.84
N VAL A 164 9.62 -12.05 32.63
CA VAL A 164 10.97 -12.57 32.46
C VAL A 164 11.86 -11.60 31.71
N PHE A 165 13.05 -11.34 32.24
CA PHE A 165 14.05 -10.50 31.59
C PHE A 165 14.74 -11.40 30.58
N GLU A 166 14.16 -11.51 29.39
CA GLU A 166 14.68 -12.38 28.33
C GLU A 166 15.75 -11.74 27.42
N GLY A 167 15.70 -10.43 27.21
CA GLY A 167 16.71 -9.80 26.37
C GLY A 167 16.97 -8.33 26.63
N VAL A 168 17.97 -7.82 25.95
CA VAL A 168 18.36 -6.43 26.03
C VAL A 168 18.92 -6.16 24.65
N PHE A 169 18.56 -5.05 24.04
CA PHE A 169 19.02 -4.75 22.72
C PHE A 169 19.11 -3.29 22.47
N THR A 170 19.79 -2.96 21.39
CA THR A 170 19.94 -1.60 20.97
C THR A 170 19.99 -1.60 19.46
N HIS A 171 19.79 -0.42 18.87
CA HIS A 171 19.75 -0.28 17.44
C HIS A 171 20.76 0.80 17.06
N PHE A 172 21.52 0.54 16.01
CA PHE A 172 22.50 1.50 15.53
C PHE A 172 21.81 2.43 14.56
N ALA A 173 22.21 3.68 14.60
CA ALA A 173 21.61 4.70 13.76
C ALA A 173 22.34 4.99 12.43
N CYS A 174 23.64 4.68 12.35
N CYS A 174 23.63 4.70 12.33
CA CYS A 174 24.43 5.02 11.15
CA CYS A 174 24.31 4.97 11.06
C CYS A 174 25.33 3.89 10.64
C CYS A 174 25.34 3.90 10.68
N ALA A 175 25.01 2.65 10.96
CA ALA A 175 25.87 1.52 10.62
C ALA A 175 25.99 1.30 9.12
N ASP A 176 25.05 1.81 8.33
CA ASP A 176 25.12 1.65 6.87
C ASP A 176 25.93 2.74 6.22
N GLU A 177 26.71 3.48 7.01
CA GLU A 177 27.51 4.59 6.50
C GLU A 177 28.79 4.74 7.35
N PRO A 178 29.85 5.31 6.76
CA PRO A 178 31.12 5.48 7.50
C PRO A 178 30.98 6.36 8.71
N GLY A 179 31.80 6.09 9.74
CA GLY A 179 31.77 6.89 10.99
C GLY A 179 32.02 6.09 12.25
N ASP A 180 32.28 6.80 13.36
CA ASP A 180 32.54 6.15 14.64
C ASP A 180 31.36 6.07 15.58
N MET A 181 30.16 6.42 15.09
CA MET A 181 28.96 6.37 15.93
C MET A 181 28.71 4.94 16.34
N THR A 182 28.59 4.06 15.33
CA THR A 182 28.31 2.65 15.56
C THR A 182 29.18 2.01 16.64
N THR A 183 30.48 2.24 16.57
CA THR A 183 31.42 1.68 17.52
C THR A 183 31.31 2.36 18.86
N GLU A 184 30.79 3.58 18.84
CA GLU A 184 30.61 4.33 20.05
C GLU A 184 29.36 3.81 20.78
N GLN A 185 28.33 3.45 20.01
CA GLN A 185 27.13 2.89 20.60
C GLN A 185 27.42 1.50 21.17
N TYR A 186 28.20 0.72 20.42
CA TYR A 186 28.57 -0.64 20.81
C TYR A 186 29.22 -0.63 22.19
N GLN A 187 30.16 0.29 22.40
CA GLN A 187 30.83 0.39 23.69
C GLN A 187 29.90 0.91 24.78
N ARG A 188 29.00 1.81 24.40
CA ARG A 188 28.04 2.37 25.33
C ARG A 188 27.08 1.26 25.76
N PHE A 189 26.69 0.43 24.80
CA PHE A 189 25.81 -0.71 25.05
C PHE A 189 26.47 -1.64 26.11
N LYS A 190 27.65 -2.18 25.78
CA LYS A 190 28.34 -3.04 26.74
C LYS A 190 28.47 -2.36 28.12
N ASP A 191 28.79 -1.08 28.14
CA ASP A 191 28.94 -0.39 29.41
C ASP A 191 27.63 -0.40 30.17
N MET A 192 26.50 -0.29 29.47
CA MET A 192 25.22 -0.35 30.18
C MET A 192 24.90 -1.79 30.60
N VAL A 193 25.04 -2.71 29.65
CA VAL A 193 24.71 -4.13 29.88
C VAL A 193 25.61 -4.85 30.87
N ASN A 194 26.80 -4.32 31.11
CA ASN A 194 27.71 -4.95 32.08
C ASN A 194 27.40 -4.60 33.51
N GLU A 195 26.68 -3.51 33.71
CA GLU A 195 26.33 -3.07 35.04
C GLU A 195 25.11 -3.80 35.60
N ALA A 196 24.77 -4.95 35.00
CA ALA A 196 23.64 -5.76 35.49
C ALA A 196 23.81 -7.16 34.94
N ILE A 197 23.07 -8.11 35.50
CA ILE A 197 23.19 -9.46 35.02
C ILE A 197 22.68 -9.52 33.59
N LYS A 198 23.31 -10.36 32.81
CA LYS A 198 22.95 -10.50 31.43
C LYS A 198 21.73 -11.41 31.25
N PRO A 199 20.81 -11.04 30.34
CA PRO A 199 19.67 -11.89 29.98
C PRO A 199 20.10 -12.84 28.83
N GLU A 200 19.23 -13.78 28.47
CA GLU A 200 19.53 -14.72 27.39
C GLU A 200 20.06 -14.06 26.12
N TYR A 201 19.22 -13.21 25.54
CA TYR A 201 19.54 -12.57 24.26
C TYR A 201 20.08 -11.15 24.36
N ILE A 202 21.19 -10.90 23.69
CA ILE A 202 21.81 -9.60 23.66
C ILE A 202 21.99 -9.29 22.19
N HIS A 203 21.22 -8.33 21.66
CA HIS A 203 21.29 -8.08 20.22
C HIS A 203 21.40 -6.60 19.89
N CYS A 204 22.34 -6.27 19.01
CA CYS A 204 22.58 -4.88 18.58
C CYS A 204 22.68 -4.65 17.07
N GLN A 205 22.77 -5.70 16.27
CA GLN A 205 23.01 -5.56 14.84
C GLN A 205 21.84 -5.80 13.92
N ASN A 206 21.68 -4.86 12.99
CA ASN A 206 20.72 -4.95 11.87
C ASN A 206 21.51 -5.52 10.69
N SER A 207 20.99 -5.40 9.47
CA SER A 207 21.65 -5.92 8.29
C SER A 207 23.08 -5.35 8.14
N ALA A 208 23.17 -4.02 8.13
CA ALA A 208 24.44 -3.34 8.04
C ALA A 208 25.40 -3.89 9.09
N GLY A 209 25.01 -3.77 10.35
CA GLY A 209 25.80 -4.23 11.48
C GLY A 209 26.24 -5.69 11.38
N SER A 210 25.37 -6.56 10.89
CA SER A 210 25.68 -7.97 10.77
C SER A 210 26.67 -8.30 9.64
N LEU A 211 26.56 -7.55 8.53
CA LEU A 211 27.45 -7.72 7.37
C LEU A 211 28.79 -7.05 7.59
N LEU A 212 28.83 -6.02 8.43
CA LEU A 212 30.07 -5.25 8.66
C LEU A 212 30.91 -5.61 9.86
N MET A 213 30.27 -6.03 10.93
CA MET A 213 30.98 -6.33 12.17
C MET A 213 30.58 -7.66 12.73
N ASP A 214 31.39 -8.21 13.61
CA ASP A 214 31.05 -9.46 14.26
C ASP A 214 30.26 -9.23 15.57
N CYS A 215 30.74 -8.31 16.42
CA CYS A 215 30.10 -8.00 17.71
C CYS A 215 29.88 -9.24 18.58
N GLN A 216 30.98 -9.86 19.03
CA GLN A 216 30.95 -11.08 19.86
C GLN A 216 30.06 -10.93 21.09
N PHE A 217 29.97 -9.70 21.58
CA PHE A 217 29.22 -9.40 22.78
C PHE A 217 27.72 -9.62 22.61
N CYS A 218 27.20 -9.31 21.41
CA CYS A 218 25.77 -9.45 21.06
C CYS A 218 25.49 -10.83 20.46
N ASN A 219 24.98 -11.74 21.29
CA ASN A 219 24.68 -13.13 20.88
C ASN A 219 23.48 -13.37 19.93
N ALA A 220 22.81 -12.33 19.46
CA ALA A 220 21.72 -12.50 18.49
C ALA A 220 21.78 -11.33 17.51
N ILE A 221 21.51 -11.63 16.23
CA ILE A 221 21.51 -10.60 15.21
C ILE A 221 20.09 -10.43 14.64
N ARG A 222 19.82 -9.23 14.09
CA ARG A 222 18.51 -8.91 13.54
C ARG A 222 18.57 -8.47 12.09
N PRO A 223 18.95 -9.37 11.17
CA PRO A 223 19.01 -8.99 9.77
C PRO A 223 17.62 -8.73 9.21
N GLY A 224 17.53 -7.71 8.36
CA GLY A 224 16.26 -7.33 7.80
C GLY A 224 16.18 -7.39 6.29
N ILE A 225 16.37 -6.25 5.67
CA ILE A 225 16.23 -6.14 4.24
C ILE A 225 17.17 -7.09 3.53
N SER A 226 18.34 -7.35 4.12
CA SER A 226 19.32 -8.24 3.51
C SER A 226 18.85 -9.69 3.42
N LEU A 227 17.87 -10.06 4.24
CA LEU A 227 17.30 -11.40 4.12
C LEU A 227 16.58 -11.52 2.81
N TYR A 228 16.03 -10.39 2.34
CA TYR A 228 15.26 -10.36 1.12
C TYR A 228 16.16 -10.11 -0.10
N GLY A 229 17.45 -9.95 0.17
CA GLY A 229 18.44 -9.84 -0.90
C GLY A 229 18.96 -8.48 -1.26
N TYR A 230 18.73 -7.49 -0.42
CA TYR A 230 19.15 -6.13 -0.72
C TYR A 230 20.14 -5.56 0.28
N TYR A 231 21.14 -4.87 -0.23
CA TYR A 231 22.09 -4.19 0.61
C TYR A 231 21.38 -2.96 1.23
N PRO A 232 21.66 -2.67 2.48
CA PRO A 232 21.03 -1.54 3.13
C PRO A 232 21.57 -0.16 2.68
N SER A 233 22.62 -0.13 1.87
CA SER A 233 23.19 1.11 1.36
C SER A 233 24.28 0.76 0.34
N GLU A 234 24.66 1.72 -0.47
CA GLU A 234 25.70 1.49 -1.46
C GLU A 234 27.04 1.27 -0.74
N TYR A 235 27.30 2.06 0.29
CA TYR A 235 28.53 1.92 1.05
C TYR A 235 28.77 0.50 1.51
N VAL A 236 27.76 -0.13 2.11
CA VAL A 236 27.87 -1.51 2.58
C VAL A 236 28.10 -2.41 1.37
N GLN A 237 27.26 -2.27 0.35
CA GLN A 237 27.35 -3.09 -0.85
C GLN A 237 28.77 -3.09 -1.44
N GLN A 238 29.42 -1.93 -1.47
CA GLN A 238 30.79 -1.81 -2.02
C GLN A 238 31.88 -2.17 -0.99
N LYS A 239 31.48 -2.27 0.27
CA LYS A 239 32.38 -2.57 1.37
C LYS A 239 32.66 -4.08 1.54
N VAL A 240 31.60 -4.86 1.71
CA VAL A 240 31.69 -6.30 1.96
C VAL A 240 31.61 -7.09 0.65
N LYS A 241 32.15 -8.32 0.62
CA LYS A 241 32.01 -9.07 -0.62
C LYS A 241 30.99 -10.23 -0.55
N VAL A 242 30.29 -10.34 0.57
CA VAL A 242 29.19 -11.30 0.72
C VAL A 242 28.18 -11.09 -0.43
N HIS A 243 27.64 -12.16 -1.00
CA HIS A 243 26.66 -12.02 -2.07
C HIS A 243 25.26 -12.28 -1.54
N LEU A 244 24.38 -11.30 -1.78
CA LEU A 244 22.98 -11.40 -1.42
C LEU A 244 22.14 -11.55 -2.72
N LYS A 245 21.10 -12.37 -2.66
CA LYS A 245 20.26 -12.60 -3.82
C LYS A 245 18.92 -11.83 -3.76
N PRO A 246 18.72 -10.87 -4.67
CA PRO A 246 17.44 -10.19 -4.67
C PRO A 246 16.32 -11.22 -4.72
N SER A 247 15.21 -10.98 -4.03
CA SER A 247 14.13 -11.95 -3.98
C SER A 247 12.83 -11.56 -4.67
N VAL A 248 12.74 -10.32 -5.13
CA VAL A 248 11.49 -9.81 -5.72
C VAL A 248 11.53 -9.40 -7.18
N GLN A 249 10.44 -9.73 -7.89
CA GLN A 249 10.17 -9.23 -9.23
C GLN A 249 8.75 -8.64 -9.23
N LEU A 250 8.59 -7.51 -9.89
CA LEU A 250 7.27 -6.93 -10.07
C LEU A 250 7.01 -7.09 -11.53
N ILE A 251 5.94 -7.80 -11.86
CA ILE A 251 5.59 -8.10 -13.23
C ILE A 251 4.17 -7.72 -13.62
N ALA A 252 3.98 -7.42 -14.91
CA ALA A 252 2.67 -7.16 -15.46
C ALA A 252 2.62 -7.62 -16.90
N ASN A 253 1.49 -8.21 -17.30
CA ASN A 253 1.34 -8.66 -18.67
C ASN A 253 0.61 -7.62 -19.50
N VAL A 254 1.14 -7.34 -20.69
CA VAL A 254 0.49 -6.39 -21.57
C VAL A 254 -0.94 -6.86 -21.79
N VAL A 255 -1.92 -5.95 -21.70
CA VAL A 255 -3.31 -6.35 -21.94
C VAL A 255 -3.86 -5.86 -23.28
N GLN A 256 -3.15 -4.94 -23.94
CA GLN A 256 -3.62 -4.34 -25.18
C GLN A 256 -2.50 -3.49 -25.76
N THR A 257 -2.47 -3.38 -27.09
CA THR A 257 -1.51 -2.52 -27.78
C THR A 257 -2.24 -1.68 -28.82
N LYS A 258 -1.67 -0.53 -29.14
CA LYS A 258 -2.21 0.33 -30.18
C LYS A 258 -1.06 0.93 -30.92
N THR A 259 -1.21 1.07 -32.22
CA THR A 259 -0.19 1.68 -33.03
C THR A 259 -0.57 3.11 -33.32
N LEU A 260 0.28 4.03 -32.90
CA LEU A 260 0.07 5.44 -33.19
C LEU A 260 0.74 5.73 -34.51
N GLN A 261 0.08 6.52 -35.34
CA GLN A 261 0.66 6.87 -36.61
C GLN A 261 1.32 8.21 -36.29
N ALA A 262 2.28 8.64 -37.10
CA ALA A 262 2.91 9.93 -36.87
C ALA A 262 1.83 11.00 -36.94
N GLY A 263 1.70 11.78 -35.88
CA GLY A 263 0.67 12.83 -35.82
C GLY A 263 -0.44 12.47 -34.84
N GLU A 264 -0.59 11.17 -34.57
CA GLU A 264 -1.59 10.72 -33.63
C GLU A 264 -1.01 10.77 -32.24
N SER A 265 -1.87 10.84 -31.25
CA SER A 265 -1.41 10.92 -29.89
C SER A 265 -2.32 10.16 -28.97
N VAL A 266 -1.87 10.03 -27.72
CA VAL A 266 -2.66 9.46 -26.65
C VAL A 266 -2.43 10.32 -25.42
N SER A 267 -3.47 10.46 -24.63
CA SER A 267 -3.43 11.32 -23.48
C SER A 267 -3.76 10.57 -22.19
N TYR A 268 -2.70 10.11 -21.51
CA TYR A 268 -2.85 9.50 -20.18
C TYR A 268 -2.17 10.42 -19.22
N GLY A 269 -2.88 11.47 -18.81
CA GLY A 269 -2.33 12.49 -17.91
C GLY A 269 -2.79 13.88 -18.29
N TYR A 272 1.13 12.44 -25.03
CA TYR A 272 2.20 11.86 -25.82
C TYR A 272 1.83 11.85 -27.30
N THR A 273 2.68 12.47 -28.11
CA THR A 273 2.48 12.55 -29.55
C THR A 273 3.61 11.81 -30.24
N ALA A 274 3.28 10.97 -31.21
CA ALA A 274 4.29 10.17 -31.90
C ALA A 274 4.86 10.90 -33.09
N THR A 275 6.19 10.87 -33.20
CA THR A 275 6.85 11.48 -34.36
C THR A 275 6.93 10.47 -35.53
N ASP A 276 7.28 9.22 -35.22
CA ASP A 276 7.35 8.13 -36.20
C ASP A 276 6.30 7.09 -35.85
N PRO A 277 6.19 6.01 -36.65
CA PRO A 277 5.22 4.97 -36.30
C PRO A 277 5.66 4.27 -35.02
N THR A 278 4.81 4.28 -34.01
CA THR A 278 5.17 3.64 -32.78
C THR A 278 3.98 2.88 -32.17
N THR A 279 4.31 1.81 -31.44
CA THR A 279 3.33 0.95 -30.84
C THR A 279 3.31 1.28 -29.37
N ILE A 280 2.12 1.22 -28.76
CA ILE A 280 2.00 1.43 -27.32
C ILE A 280 1.32 0.21 -26.73
N ALA A 281 1.81 -0.18 -25.55
CA ALA A 281 1.31 -1.32 -24.83
C ALA A 281 0.62 -0.85 -23.56
N LEU A 282 -0.52 -1.44 -23.24
CA LEU A 282 -1.25 -1.07 -22.03
C LEU A 282 -1.03 -2.13 -20.96
N LEU A 283 -0.49 -1.71 -19.81
CA LEU A 283 -0.22 -2.56 -18.66
C LEU A 283 -1.32 -2.39 -17.61
N PRO A 284 -1.81 -3.50 -17.03
CA PRO A 284 -2.84 -3.38 -15.98
C PRO A 284 -2.19 -3.29 -14.60
N ILE A 285 -1.48 -2.20 -14.36
CA ILE A 285 -0.83 -1.91 -13.07
C ILE A 285 -0.70 -0.40 -13.00
N GLY A 286 -0.84 0.17 -11.81
CA GLY A 286 -0.76 1.61 -11.66
C GLY A 286 -0.37 2.03 -10.28
N TYR A 287 -0.54 3.31 -9.97
CA TYR A 287 -0.08 3.81 -8.70
C TYR A 287 -0.78 3.24 -7.46
N ALA A 288 -1.98 2.73 -7.60
CA ALA A 288 -2.66 2.09 -6.48
C ALA A 288 -2.06 0.68 -6.15
N ASP A 289 -1.16 0.20 -7.01
CA ASP A 289 -0.46 -1.06 -6.75
C ASP A 289 0.93 -0.74 -6.16
N GLY A 290 1.29 0.54 -6.12
CA GLY A 290 2.59 0.94 -5.57
C GLY A 290 3.60 1.34 -6.64
N TYR A 291 3.17 1.33 -7.91
CA TYR A 291 4.06 1.76 -9.01
C TYR A 291 3.71 3.22 -9.14
N LEU A 292 4.46 4.07 -8.44
CA LEU A 292 4.04 5.46 -8.32
C LEU A 292 4.15 6.33 -9.55
N ARG A 293 3.42 7.46 -9.51
CA ARG A 293 3.37 8.41 -10.61
C ARG A 293 4.74 8.88 -11.02
N ILE A 294 5.63 9.00 -10.05
CA ILE A 294 6.95 9.50 -10.34
C ILE A 294 7.72 8.48 -11.19
N MET A 295 7.18 7.28 -11.39
CA MET A 295 7.83 6.30 -12.25
C MET A 295 7.74 6.70 -13.73
N GLN A 296 6.98 7.74 -14.05
CA GLN A 296 6.91 8.16 -15.44
C GLN A 296 8.31 8.46 -15.97
N GLY A 297 8.59 8.01 -17.20
CA GLY A 297 9.88 8.26 -17.78
C GLY A 297 10.92 7.23 -17.40
N SER A 298 10.53 6.24 -16.62
CA SER A 298 11.46 5.19 -16.28
C SER A 298 11.36 4.20 -17.43
N PHE A 299 12.28 3.24 -17.45
CA PHE A 299 12.25 2.17 -18.45
C PHE A 299 11.91 0.87 -17.79
N VAL A 300 11.26 0.00 -18.54
CA VAL A 300 10.91 -1.31 -18.03
C VAL A 300 11.36 -2.33 -19.05
N ASN A 301 11.39 -3.59 -18.64
CA ASN A 301 11.87 -4.66 -19.52
C ASN A 301 10.73 -5.43 -20.15
N VAL A 302 10.64 -5.34 -21.49
CA VAL A 302 9.65 -6.07 -22.28
C VAL A 302 10.38 -7.06 -23.20
N ASN A 303 10.04 -8.34 -23.06
CA ASN A 303 10.68 -9.38 -23.84
C ASN A 303 12.15 -9.10 -24.04
N GLY A 304 12.84 -8.78 -22.96
CA GLY A 304 14.28 -8.53 -23.05
C GLY A 304 14.68 -7.08 -23.29
N HIS A 305 13.86 -6.32 -24.02
CA HIS A 305 14.23 -4.93 -24.34
C HIS A 305 13.68 -3.82 -23.44
N GLN A 306 14.53 -2.80 -23.26
CA GLN A 306 14.20 -1.63 -22.47
C GLN A 306 13.19 -0.77 -23.21
N CYS A 307 12.08 -0.49 -22.54
CA CYS A 307 10.98 0.30 -23.09
C CYS A 307 10.64 1.43 -22.14
N GLU A 308 10.17 2.55 -22.70
CA GLU A 308 9.94 3.72 -21.92
C GLU A 308 8.50 3.84 -21.45
N VAL A 309 8.33 4.18 -20.17
CA VAL A 309 6.99 4.42 -19.57
C VAL A 309 6.57 5.82 -19.94
N ILE A 310 5.53 5.94 -20.76
CA ILE A 310 5.09 7.25 -21.28
C ILE A 310 3.79 7.81 -20.71
N GLY A 311 3.48 9.05 -21.09
CA GLY A 311 2.30 9.73 -20.56
C GLY A 311 2.48 9.80 -19.06
N ARG A 312 1.40 9.63 -18.32
CA ARG A 312 1.50 9.57 -16.85
C ARG A 312 1.03 8.20 -16.39
N VAL A 313 1.48 7.77 -15.22
CA VAL A 313 1.03 6.52 -14.62
C VAL A 313 -0.31 6.80 -13.99
N CYS A 314 -1.31 5.99 -14.33
N CYS A 314 -1.31 5.99 -14.30
CA CYS A 314 -2.64 6.13 -13.79
CA CYS A 314 -2.62 6.20 -13.74
C CYS A 314 -2.84 5.25 -12.54
C CYS A 314 -2.85 5.24 -12.57
N MET A 315 -4.01 5.34 -11.93
CA MET A 315 -4.30 4.52 -10.76
C MET A 315 -4.19 3.03 -11.05
N ASP A 316 -4.66 2.60 -12.21
CA ASP A 316 -4.74 1.18 -12.53
C ASP A 316 -4.09 0.75 -13.85
N GLN A 317 -3.56 1.71 -14.59
CA GLN A 317 -2.97 1.46 -15.88
C GLN A 317 -1.67 2.22 -16.05
N THR A 318 -0.81 1.65 -16.86
CA THR A 318 0.46 2.25 -17.21
C THR A 318 0.67 2.05 -18.71
N ILE A 319 1.24 3.05 -19.38
CA ILE A 319 1.46 2.97 -20.83
C ILE A 319 2.93 2.94 -21.21
N VAL A 320 3.29 2.06 -22.14
CA VAL A 320 4.70 1.91 -22.53
C VAL A 320 4.95 1.91 -24.03
N LYS A 321 5.97 2.66 -24.46
CA LYS A 321 6.38 2.69 -25.86
C LYS A 321 7.13 1.42 -26.12
N VAL A 322 6.63 0.61 -27.02
CA VAL A 322 7.27 -0.68 -27.25
C VAL A 322 7.45 -1.00 -28.71
N PRO A 323 8.34 -1.97 -29.01
CA PRO A 323 8.50 -2.44 -30.39
C PRO A 323 7.20 -3.11 -30.91
N ASP A 324 6.93 -2.96 -32.20
CA ASP A 324 5.73 -3.47 -32.88
C ASP A 324 5.31 -4.92 -32.65
N GLN A 325 6.32 -5.78 -32.48
CA GLN A 325 6.08 -7.18 -32.28
C GLN A 325 5.47 -7.49 -30.91
N VAL A 326 5.63 -6.57 -29.94
CA VAL A 326 5.08 -6.79 -28.61
C VAL A 326 3.56 -6.89 -28.72
N LYS A 327 2.94 -7.81 -27.97
CA LYS A 327 1.49 -7.99 -28.04
C LYS A 327 0.87 -8.35 -26.70
N ALA A 328 -0.45 -8.48 -26.71
CA ALA A 328 -1.14 -8.80 -25.48
C ALA A 328 -0.50 -10.08 -24.97
N GLY A 329 -0.36 -10.21 -23.67
CA GLY A 329 0.20 -11.40 -23.07
C GLY A 329 1.69 -11.31 -22.79
N ASP A 330 2.42 -10.48 -23.52
CA ASP A 330 3.85 -10.35 -23.25
C ASP A 330 4.05 -9.91 -21.83
N SER A 331 5.05 -10.53 -21.20
CA SER A 331 5.44 -10.28 -19.83
C SER A 331 6.34 -9.07 -19.71
N VAL A 332 6.07 -8.20 -18.74
CA VAL A 332 6.87 -7.01 -18.54
C VAL A 332 7.47 -7.00 -17.14
N ILE A 333 8.76 -6.81 -17.05
CA ILE A 333 9.40 -6.81 -15.78
C ILE A 333 9.59 -5.37 -15.37
N LEU A 334 8.87 -4.95 -14.33
CA LEU A 334 8.97 -3.58 -13.86
C LEU A 334 10.03 -3.46 -12.78
N ILE A 335 10.21 -4.52 -11.99
CA ILE A 335 11.27 -4.59 -10.96
C ILE A 335 11.88 -5.95 -11.15
N ASP A 336 13.20 -6.04 -11.43
CA ASP A 336 13.84 -7.34 -11.66
C ASP A 336 14.67 -7.81 -10.45
N ASN A 337 14.97 -9.10 -10.39
CA ASN A 337 15.74 -9.64 -9.30
C ASN A 337 17.28 -9.66 -9.53
N HIS A 338 17.87 -8.52 -9.87
CA HIS A 338 19.31 -8.46 -10.06
C HIS A 338 19.75 -7.04 -9.76
N ARG A 339 20.81 -6.93 -8.98
CA ARG A 339 21.28 -5.65 -8.55
C ARG A 339 21.79 -4.76 -9.72
N GLU A 340 22.43 -5.35 -10.71
CA GLU A 340 22.95 -4.59 -11.85
C GLU A 340 21.97 -4.65 -12.99
N SER A 341 20.79 -4.10 -12.74
CA SER A 341 19.73 -4.09 -13.69
C SER A 341 19.08 -2.71 -13.77
N PRO A 342 18.76 -2.27 -14.99
CA PRO A 342 18.07 -0.99 -15.06
C PRO A 342 16.71 -1.10 -14.36
N GLN A 343 16.25 -2.31 -14.03
CA GLN A 343 14.99 -2.45 -13.26
C GLN A 343 15.17 -2.92 -11.81
N SER A 344 16.36 -2.65 -11.25
CA SER A 344 16.66 -3.08 -9.90
C SER A 344 15.92 -2.22 -8.91
N VAL A 345 15.71 -2.78 -7.74
CA VAL A 345 15.02 -2.07 -6.69
C VAL A 345 15.74 -0.76 -6.46
N GLU A 346 17.07 -0.77 -6.50
CA GLU A 346 17.83 0.43 -6.25
C GLU A 346 17.61 1.51 -7.31
N VAL A 347 17.56 1.13 -8.58
CA VAL A 347 17.34 2.09 -9.66
C VAL A 347 15.92 2.64 -9.56
N VAL A 348 14.98 1.78 -9.21
CA VAL A 348 13.63 2.26 -9.04
C VAL A 348 13.58 3.23 -7.87
N ALA A 349 14.25 2.90 -6.74
CA ALA A 349 14.27 3.80 -5.57
C ALA A 349 14.86 5.17 -5.93
N GLU A 350 15.91 5.12 -6.76
CA GLU A 350 16.54 6.33 -7.22
C GLU A 350 15.48 7.11 -8.01
N LYS A 351 14.76 6.44 -8.87
CA LYS A 351 13.72 7.12 -9.63
C LYS A 351 12.66 7.74 -8.71
N GLN A 352 12.31 7.05 -7.62
CA GLN A 352 11.33 7.54 -6.65
C GLN A 352 11.98 8.48 -5.64
N HIS A 353 13.25 8.79 -5.83
CA HIS A 353 13.95 9.65 -4.87
C HIS A 353 13.79 9.11 -3.43
N THR A 354 14.07 7.82 -3.24
CA THR A 354 13.93 7.17 -1.94
C THR A 354 14.96 6.02 -1.78
N ILE A 355 14.70 5.13 -0.84
CA ILE A 355 15.57 4.00 -0.61
C ILE A 355 14.84 2.72 -0.95
N ASN A 356 15.59 1.64 -1.10
CA ASN A 356 15.03 0.37 -1.48
C ASN A 356 13.93 -0.12 -0.56
N TYR A 357 14.06 0.15 0.73
CA TYR A 357 13.03 -0.25 1.69
C TYR A 357 11.64 0.26 1.30
N GLU A 358 11.55 1.55 1.02
CA GLU A 358 10.24 2.14 0.70
C GLU A 358 9.65 1.62 -0.59
N VAL A 359 10.49 1.34 -1.60
CA VAL A 359 9.98 0.80 -2.87
C VAL A 359 9.20 -0.47 -2.61
N LEU A 360 9.75 -1.37 -1.78
CA LEU A 360 9.12 -2.67 -1.47
C LEU A 360 7.89 -2.45 -0.62
N CYS A 361 8.00 -1.52 0.32
CA CYS A 361 6.89 -1.20 1.19
C CYS A 361 5.68 -0.60 0.45
N ASN A 362 5.90 0.16 -0.61
CA ASN A 362 4.81 0.77 -1.40
C ASN A 362 3.97 -0.27 -2.10
N LEU A 363 4.55 -1.41 -2.39
CA LEU A 363 3.83 -2.50 -3.07
C LEU A 363 2.53 -2.82 -2.31
N SER A 364 1.45 -2.37 -2.91
CA SER A 364 0.08 -2.49 -2.40
C SER A 364 -0.53 -3.90 -2.29
N ARG A 365 -1.59 -4.00 -1.51
CA ARG A 365 -2.29 -5.25 -1.29
C ARG A 365 -3.00 -5.74 -2.51
N ARG A 366 -3.20 -4.89 -3.50
CA ARG A 366 -3.90 -5.33 -4.70
C ARG A 366 -3.03 -6.26 -5.56
N LEU A 367 -1.74 -6.36 -5.25
CA LEU A 367 -0.81 -7.21 -5.97
C LEU A 367 -0.71 -8.57 -5.32
N PRO A 368 -1.00 -9.66 -6.07
CA PRO A 368 -0.77 -10.93 -5.41
C PRO A 368 0.73 -11.21 -5.23
N ARG A 369 1.08 -11.96 -4.19
CA ARG A 369 2.43 -12.40 -4.06
C ARG A 369 2.47 -13.84 -4.59
N ILE A 370 3.36 -14.11 -5.54
CA ILE A 370 3.50 -15.48 -6.07
C ILE A 370 4.84 -16.01 -5.60
N TYR A 371 4.80 -16.95 -4.66
CA TYR A 371 5.99 -17.53 -4.06
C TYR A 371 6.52 -18.70 -4.87
N HIS A 372 7.85 -18.70 -5.02
CA HIS A 372 8.58 -19.75 -5.74
C HIS A 372 9.51 -20.44 -4.78
N ASP A 373 9.44 -21.76 -4.76
CA ASP A 373 10.35 -22.58 -3.97
C ASP A 373 10.66 -23.74 -4.84
N GLY A 374 11.87 -23.75 -5.40
CA GLY A 374 12.23 -24.81 -6.34
C GLY A 374 11.14 -24.84 -7.42
N ASP A 375 10.54 -26.00 -7.65
CA ASP A 375 9.46 -26.17 -8.63
C ASP A 375 8.09 -25.70 -8.11
N GLN A 376 7.93 -25.65 -6.80
CA GLN A 376 6.68 -25.25 -6.20
C GLN A 376 6.27 -23.77 -6.49
N ARG A 377 4.97 -23.53 -6.62
CA ARG A 377 4.41 -22.19 -6.84
C ARG A 377 3.20 -22.04 -5.93
N PHE A 378 3.08 -20.90 -5.24
CA PHE A 378 1.87 -20.62 -4.47
C PHE A 378 1.55 -19.12 -4.38
N VAL A 379 0.25 -18.85 -4.34
CA VAL A 379 -0.24 -17.49 -4.43
C VAL A 379 -1.10 -16.98 -3.26
N THR A 380 -0.85 -15.73 -2.90
CA THR A 380 -1.60 -15.04 -1.89
C THR A 380 -2.13 -13.76 -2.59
N ASN A 381 -3.47 -13.63 -2.54
CA ASN A 381 -4.19 -12.50 -3.11
C ASN A 381 -5.09 -11.97 -2.03
N GLU A 382 -4.66 -10.90 -1.38
CA GLU A 382 -5.40 -10.35 -0.23
C GLU A 382 -6.88 -10.03 -0.48
N LEU A 383 -7.19 -9.53 -1.67
CA LEU A 383 -8.55 -9.19 -2.04
C LEU A 383 -9.51 -10.37 -1.90
N LEU A 384 -8.99 -11.59 -2.03
CA LEU A 384 -9.83 -12.77 -2.00
C LEU A 384 -9.63 -13.69 -0.78
N LYS A 385 -8.86 -13.21 0.19
CA LYS A 385 -8.59 -13.93 1.44
C LYS A 385 -9.77 -13.90 2.41
N SER B 5 -16.50 -7.06 14.07
CA SER B 5 -15.46 -5.99 14.21
C SER B 5 -14.13 -6.55 14.71
N ASP B 6 -13.05 -6.10 14.10
CA ASP B 6 -11.70 -6.55 14.44
C ASP B 6 -11.06 -5.73 15.56
N LYS B 7 -10.11 -6.36 16.25
CA LYS B 7 -9.30 -5.69 17.25
C LYS B 7 -8.12 -5.03 16.52
N TYR B 8 -7.36 -4.20 17.23
CA TYR B 8 -6.12 -3.61 16.68
C TYR B 8 -5.20 -3.24 17.83
N TYR B 9 -3.91 -3.39 17.63
CA TYR B 9 -2.96 -3.22 18.72
C TYR B 9 -1.82 -2.24 18.54
N ARG B 10 -2.07 -1.17 17.83
CA ARG B 10 -1.09 -0.10 17.70
C ARG B 10 -1.91 1.15 17.58
N SER B 11 -1.51 2.19 18.26
CA SER B 11 -2.30 3.39 18.23
C SER B 11 -2.09 4.21 16.96
N ALA B 12 -2.43 3.63 15.81
CA ALA B 12 -2.31 4.33 14.50
C ALA B 12 -3.41 3.79 13.67
N TYR B 13 -4.17 4.68 13.06
CA TYR B 13 -5.32 4.23 12.32
C TYR B 13 -5.92 5.32 11.49
N MET B 14 -6.84 4.89 10.63
CA MET B 14 -7.63 5.77 9.78
C MET B 14 -9.08 5.83 10.29
N ASN B 15 -9.63 7.04 10.30
CA ASN B 15 -11.04 7.26 10.63
C ASN B 15 -11.63 7.43 9.27
N VAL B 16 -12.60 6.59 8.93
CA VAL B 16 -13.28 6.66 7.65
C VAL B 16 -14.71 7.02 7.99
N ASP B 17 -15.14 8.19 7.52
CA ASP B 17 -16.45 8.72 7.83
C ASP B 17 -17.47 8.36 6.76
N LEU B 18 -18.21 7.28 6.99
CA LEU B 18 -19.21 6.81 6.04
C LEU B 18 -20.40 7.75 5.87
N ASN B 19 -20.66 8.57 6.88
CA ASN B 19 -21.75 9.54 6.81
C ASN B 19 -21.35 10.59 5.77
N ALA B 20 -20.07 10.97 5.79
CA ALA B 20 -19.51 11.90 4.79
C ALA B 20 -19.60 11.30 3.39
N VAL B 21 -19.32 10.00 3.27
CA VAL B 21 -19.39 9.30 1.96
C VAL B 21 -20.84 9.22 1.41
N ALA B 22 -21.80 8.96 2.30
CA ALA B 22 -23.21 8.93 1.93
C ALA B 22 -23.71 10.32 1.48
N SER B 23 -23.30 11.38 2.17
CA SER B 23 -23.69 12.75 1.77
C SER B 23 -23.12 13.08 0.38
N ASN B 24 -21.81 12.89 0.20
CA ASN B 24 -21.20 13.15 -1.08
C ASN B 24 -21.97 12.37 -2.17
N PHE B 25 -22.36 11.14 -1.88
CA PHE B 25 -23.14 10.33 -2.84
C PHE B 25 -24.48 10.99 -3.17
N LYS B 26 -25.20 11.45 -2.16
CA LYS B 26 -26.46 12.15 -2.37
C LYS B 26 -26.30 13.46 -3.13
N VAL B 27 -25.15 14.13 -3.00
CA VAL B 27 -24.93 15.39 -3.71
C VAL B 27 -24.93 15.13 -5.20
N PHE B 28 -24.32 14.02 -5.59
CA PHE B 28 -24.26 13.62 -7.01
C PHE B 28 -25.62 13.12 -7.49
N SER B 29 -26.31 12.38 -6.62
CA SER B 29 -27.65 11.90 -6.93
C SER B 29 -28.57 13.09 -7.10
N THR B 30 -28.44 14.07 -6.23
CA THR B 30 -29.28 15.27 -6.29
C THR B 30 -28.95 16.14 -7.52
N LEU B 31 -27.69 16.10 -7.93
CA LEU B 31 -27.19 16.91 -9.04
C LEU B 31 -27.59 16.31 -10.39
N HIS B 32 -27.76 15.00 -10.39
CA HIS B 32 -28.16 14.26 -11.57
C HIS B 32 -29.33 13.33 -11.16
N PRO B 33 -30.46 13.94 -10.73
CA PRO B 33 -31.68 13.31 -10.17
C PRO B 33 -32.21 12.05 -10.87
N ASN B 34 -32.08 12.02 -12.20
CA ASN B 34 -32.62 10.93 -13.00
C ASN B 34 -31.58 10.03 -13.65
N LYS B 35 -30.40 9.98 -13.05
CA LYS B 35 -29.34 9.15 -13.55
C LYS B 35 -28.97 8.10 -12.52
N THR B 36 -28.24 7.10 -12.97
CA THR B 36 -27.70 6.10 -12.08
C THR B 36 -26.32 6.60 -11.71
N VAL B 37 -26.03 6.61 -10.42
CA VAL B 37 -24.73 7.03 -9.96
C VAL B 37 -23.94 5.75 -9.80
N MET B 38 -23.12 5.44 -10.78
CA MET B 38 -22.29 4.25 -10.75
C MET B 38 -21.12 4.59 -9.87
N ALA B 39 -21.21 4.21 -8.60
CA ALA B 39 -20.19 4.55 -7.62
C ALA B 39 -18.85 3.86 -7.91
N VAL B 40 -17.79 4.66 -8.09
CA VAL B 40 -16.47 4.11 -8.35
C VAL B 40 -15.78 3.71 -7.04
N VAL B 41 -15.70 2.41 -6.79
CA VAL B 41 -15.06 1.92 -5.56
C VAL B 41 -13.76 1.15 -5.88
N LYS B 42 -13.16 1.46 -7.02
CA LYS B 42 -11.94 0.83 -7.43
C LYS B 42 -10.79 1.12 -6.45
N ALA B 43 -9.74 0.30 -6.52
CA ALA B 43 -8.56 0.43 -5.64
C ALA B 43 -8.96 0.45 -4.16
N ASN B 44 -9.90 -0.40 -3.79
CA ASN B 44 -10.36 -0.50 -2.40
C ASN B 44 -11.01 0.83 -2.00
N ALA B 45 -11.87 1.34 -2.88
CA ALA B 45 -12.55 2.63 -2.67
C ALA B 45 -11.52 3.73 -2.34
N TYR B 46 -10.53 3.85 -3.21
CA TYR B 46 -9.43 4.80 -3.06
C TYR B 46 -8.81 4.72 -1.66
N GLY B 47 -8.66 3.52 -1.12
CA GLY B 47 -8.05 3.34 0.19
C GLY B 47 -8.96 3.29 1.39
N LEU B 48 -10.26 3.58 1.19
CA LEU B 48 -11.22 3.56 2.31
C LEU B 48 -11.78 2.19 2.70
N GLY B 49 -11.57 1.18 1.84
CA GLY B 49 -12.11 -0.15 2.10
C GLY B 49 -13.41 -0.29 1.29
N SER B 50 -13.31 -0.93 0.14
CA SER B 50 -14.42 -1.05 -0.81
C SER B 50 -15.58 -1.88 -0.32
N VAL B 51 -15.31 -2.93 0.46
CA VAL B 51 -16.41 -3.76 0.99
C VAL B 51 -17.34 -2.93 1.89
N LYS B 52 -16.77 -2.18 2.83
CA LYS B 52 -17.58 -1.36 3.73
C LYS B 52 -18.23 -0.15 3.04
N VAL B 53 -17.55 0.43 2.05
CA VAL B 53 -18.14 1.56 1.35
C VAL B 53 -19.30 1.09 0.48
N ALA B 54 -19.10 0.00 -0.21
CA ALA B 54 -20.12 -0.55 -1.08
C ALA B 54 -21.34 -0.93 -0.26
N ARG B 55 -21.13 -1.65 0.84
CA ARG B 55 -22.23 -2.05 1.67
C ARG B 55 -22.94 -0.82 2.21
N HIS B 56 -22.18 0.18 2.67
CA HIS B 56 -22.80 1.41 3.17
C HIS B 56 -23.55 2.16 2.08
N LEU B 57 -23.00 2.17 0.87
CA LEU B 57 -23.69 2.86 -0.21
C LEU B 57 -24.91 2.11 -0.72
N MET B 58 -24.91 0.79 -0.63
CA MET B 58 -26.10 0.07 -1.04
C MET B 58 -27.23 0.38 -0.08
N GLU B 59 -26.91 0.70 1.16
CA GLU B 59 -27.95 1.06 2.14
C GLU B 59 -28.46 2.49 1.90
N ASN B 60 -27.90 3.18 0.92
CA ASN B 60 -28.32 4.52 0.59
C ASN B 60 -28.64 4.73 -0.88
N GLY B 61 -29.14 3.70 -1.57
CA GLY B 61 -29.55 3.83 -2.99
C GLY B 61 -28.58 3.45 -4.10
N ALA B 62 -27.37 3.02 -3.77
CA ALA B 62 -26.40 2.63 -4.80
C ALA B 62 -26.86 1.32 -5.42
N THR B 63 -26.99 1.29 -6.74
CA THR B 63 -27.41 0.06 -7.43
C THR B 63 -26.38 -0.41 -8.46
N PHE B 64 -25.31 0.36 -8.64
CA PHE B 64 -24.31 0.01 -9.62
C PHE B 64 -22.95 0.46 -9.10
N PHE B 65 -21.92 -0.35 -9.30
CA PHE B 65 -20.58 -0.02 -8.85
C PHE B 65 -19.62 -0.29 -9.96
N ALA B 66 -18.53 0.47 -9.96
CA ALA B 66 -17.48 0.33 -10.94
C ALA B 66 -16.17 0.02 -10.20
N VAL B 67 -15.43 -0.96 -10.69
CA VAL B 67 -14.12 -1.31 -10.12
C VAL B 67 -13.09 -1.35 -11.24
N ALA B 68 -11.80 -1.41 -10.89
CA ALA B 68 -10.73 -1.50 -11.90
C ALA B 68 -10.41 -2.94 -12.37
N THR B 69 -10.60 -3.93 -11.48
CA THR B 69 -10.22 -5.31 -11.80
C THR B 69 -11.26 -6.32 -11.35
N LEU B 70 -11.29 -7.48 -12.01
CA LEU B 70 -12.21 -8.53 -11.67
C LEU B 70 -11.98 -8.99 -10.22
N ASP B 71 -10.73 -9.02 -9.76
CA ASP B 71 -10.51 -9.44 -8.38
C ASP B 71 -11.32 -8.50 -7.47
N GLU B 72 -11.34 -7.21 -7.82
CA GLU B 72 -12.07 -6.21 -7.02
C GLU B 72 -13.56 -6.47 -7.04
N ALA B 73 -14.11 -6.86 -8.20
CA ALA B 73 -15.53 -7.17 -8.31
C ALA B 73 -15.91 -8.44 -7.52
N ILE B 74 -15.08 -9.46 -7.64
CA ILE B 74 -15.32 -10.73 -6.95
C ILE B 74 -15.25 -10.53 -5.45
N GLU B 75 -14.30 -9.72 -5.01
CA GLU B 75 -14.15 -9.42 -3.60
C GLU B 75 -15.47 -8.87 -3.05
N LEU B 76 -16.10 -7.96 -3.79
CA LEU B 76 -17.40 -7.42 -3.38
C LEU B 76 -18.47 -8.51 -3.34
N ARG B 77 -18.47 -9.38 -4.35
CA ARG B 77 -19.45 -10.46 -4.41
C ARG B 77 -19.33 -11.36 -3.18
N MET B 78 -18.10 -11.74 -2.82
CA MET B 78 -17.87 -12.60 -1.65
C MET B 78 -18.45 -12.03 -0.36
N HIS B 79 -18.62 -10.73 -0.31
CA HIS B 79 -19.10 -10.07 0.89
C HIS B 79 -20.55 -9.55 0.82
N GLY B 80 -21.38 -10.21 0.02
CA GLY B 80 -22.81 -9.85 -0.05
C GLY B 80 -23.24 -8.75 -1.02
N ILE B 81 -22.29 -8.05 -1.65
CA ILE B 81 -22.69 -7.02 -2.58
C ILE B 81 -23.39 -7.66 -3.77
N THR B 82 -24.66 -7.30 -3.96
CA THR B 82 -25.53 -7.87 -4.98
C THR B 82 -25.82 -6.96 -6.16
N ALA B 83 -25.46 -5.70 -6.02
CA ALA B 83 -25.73 -4.71 -7.06
C ALA B 83 -24.96 -5.03 -8.37
N LYS B 84 -25.17 -4.20 -9.38
CA LYS B 84 -24.43 -4.39 -10.62
C LYS B 84 -23.00 -3.90 -10.40
N ILE B 85 -22.06 -4.56 -11.08
CA ILE B 85 -20.63 -4.21 -11.01
C ILE B 85 -19.99 -4.32 -12.40
N LEU B 86 -19.35 -3.24 -12.85
CA LEU B 86 -18.64 -3.21 -14.12
C LEU B 86 -17.12 -3.09 -13.91
N VAL B 87 -16.35 -3.97 -14.55
CA VAL B 87 -14.89 -3.90 -14.44
C VAL B 87 -14.45 -2.93 -15.53
N LEU B 88 -13.91 -1.77 -15.12
CA LEU B 88 -13.44 -0.74 -16.03
C LEU B 88 -12.15 -1.12 -16.75
N GLY B 89 -11.34 -1.97 -16.13
CA GLY B 89 -10.10 -2.40 -16.75
C GLY B 89 -10.40 -3.41 -17.84
N VAL B 90 -9.36 -3.78 -18.58
CA VAL B 90 -9.47 -4.77 -19.64
C VAL B 90 -9.14 -6.14 -19.08
N LEU B 91 -10.11 -7.05 -19.15
CA LEU B 91 -9.88 -8.39 -18.68
C LEU B 91 -9.54 -9.26 -19.89
N PRO B 92 -8.39 -9.93 -19.88
CA PRO B 92 -8.13 -10.79 -21.04
C PRO B 92 -9.04 -12.03 -21.05
N ALA B 93 -9.34 -12.50 -22.26
CA ALA B 93 -10.17 -13.72 -22.49
C ALA B 93 -10.12 -14.79 -21.39
N LYS B 94 -8.93 -15.25 -21.05
CA LYS B 94 -8.73 -16.30 -20.05
C LYS B 94 -9.82 -16.39 -19.00
N ASP B 95 -10.00 -15.28 -18.26
CA ASP B 95 -10.88 -15.25 -17.10
C ASP B 95 -12.34 -14.83 -17.34
N ILE B 96 -12.77 -14.67 -18.58
CA ILE B 96 -14.16 -14.26 -18.84
C ILE B 96 -15.22 -15.10 -18.11
N ASP B 97 -15.18 -16.43 -18.26
CA ASP B 97 -16.12 -17.32 -17.55
C ASP B 97 -16.34 -16.96 -16.09
N LYS B 98 -15.29 -16.57 -15.38
CA LYS B 98 -15.47 -16.19 -13.98
C LYS B 98 -16.19 -14.84 -13.79
N ALA B 99 -16.17 -14.02 -14.82
CA ALA B 99 -16.89 -12.76 -14.80
C ALA B 99 -18.36 -13.13 -15.02
N ILE B 100 -18.59 -14.16 -15.85
CA ILE B 100 -19.94 -14.68 -16.10
C ILE B 100 -20.49 -15.37 -14.84
N GLN B 101 -19.67 -16.21 -14.19
CA GLN B 101 -20.14 -16.92 -12.98
C GLN B 101 -20.52 -15.95 -11.85
N HIS B 102 -19.73 -14.89 -11.72
CA HIS B 102 -19.98 -13.91 -10.67
C HIS B 102 -20.84 -12.70 -11.03
N ARG B 103 -21.40 -12.64 -12.23
CA ARG B 103 -22.30 -11.54 -12.63
C ARG B 103 -21.65 -10.17 -12.65
N VAL B 104 -20.54 -10.05 -13.35
CA VAL B 104 -19.79 -8.80 -13.39
C VAL B 104 -19.75 -8.38 -14.82
N ALA B 105 -20.14 -7.15 -15.09
CA ALA B 105 -20.14 -6.61 -16.42
C ALA B 105 -18.72 -6.29 -16.83
N LEU B 106 -18.40 -6.44 -18.11
CA LEU B 106 -17.05 -6.16 -18.54
C LEU B 106 -16.99 -5.08 -19.61
N THR B 107 -15.79 -4.59 -19.83
CA THR B 107 -15.53 -3.54 -20.77
C THR B 107 -15.02 -4.15 -22.06
N VAL B 108 -15.59 -3.73 -23.18
CA VAL B 108 -15.17 -4.17 -24.50
C VAL B 108 -14.24 -3.08 -25.02
N PRO B 109 -12.94 -3.33 -25.03
CA PRO B 109 -12.03 -2.30 -25.49
C PRO B 109 -11.82 -2.32 -26.99
N SER B 110 -12.18 -3.41 -27.65
CA SER B 110 -11.96 -3.57 -29.08
C SER B 110 -12.71 -4.79 -29.57
N LYS B 111 -12.79 -4.92 -30.89
CA LYS B 111 -13.40 -6.07 -31.54
C LYS B 111 -12.50 -7.32 -31.36
N GLN B 112 -11.19 -7.12 -31.41
CA GLN B 112 -10.23 -8.21 -31.21
C GLN B 112 -10.56 -8.90 -29.93
N TRP B 113 -10.72 -8.08 -28.90
CA TRP B 113 -10.98 -8.56 -27.58
C TRP B 113 -12.31 -9.29 -27.53
N LEU B 114 -13.34 -8.78 -28.18
CA LEU B 114 -14.64 -9.45 -28.11
C LEU B 114 -14.54 -10.78 -28.81
N LYS B 115 -14.21 -10.75 -30.10
CA LYS B 115 -14.09 -11.98 -30.87
C LYS B 115 -13.34 -13.02 -30.09
N GLU B 116 -12.17 -12.66 -29.57
CA GLU B 116 -11.36 -13.57 -28.79
C GLU B 116 -12.10 -14.11 -27.59
N ALA B 117 -12.70 -13.20 -26.82
CA ALA B 117 -13.46 -13.57 -25.62
C ALA B 117 -14.59 -14.52 -25.95
N ILE B 118 -15.12 -14.47 -27.16
CA ILE B 118 -16.14 -15.41 -27.56
C ILE B 118 -15.47 -16.78 -27.78
N LYS B 119 -14.57 -17.15 -26.88
CA LYS B 119 -13.85 -18.43 -26.93
C LYS B 119 -13.59 -18.98 -25.52
N ASN B 120 -13.73 -18.15 -24.48
CA ASN B 120 -13.62 -18.65 -23.10
C ASN B 120 -15.03 -18.87 -22.61
N ILE B 121 -16.00 -18.72 -23.50
CA ILE B 121 -17.40 -18.96 -23.17
C ILE B 121 -17.61 -20.46 -23.32
N SER B 122 -17.75 -21.15 -22.20
CA SER B 122 -17.88 -22.61 -22.23
C SER B 122 -19.10 -23.14 -21.47
N LYS B 127 -26.51 -17.93 -17.81
CA LYS B 127 -25.52 -16.99 -17.31
C LYS B 127 -25.22 -15.98 -18.41
N LYS B 128 -25.63 -14.74 -18.17
CA LYS B 128 -25.43 -13.68 -19.13
C LYS B 128 -24.06 -13.05 -19.03
N LEU B 129 -23.59 -12.52 -20.15
CA LEU B 129 -22.35 -11.81 -20.18
C LEU B 129 -22.74 -10.37 -20.42
N TRP B 130 -22.56 -9.52 -19.41
CA TRP B 130 -22.93 -8.11 -19.55
C TRP B 130 -21.74 -7.26 -20.00
N LEU B 131 -21.85 -6.68 -21.18
CA LEU B 131 -20.77 -5.89 -21.74
C LEU B 131 -21.12 -4.42 -21.92
N HIS B 132 -20.17 -3.56 -21.54
CA HIS B 132 -20.26 -2.13 -21.76
C HIS B 132 -19.15 -1.80 -22.73
N ILE B 133 -19.51 -1.26 -23.89
CA ILE B 133 -18.52 -0.95 -24.89
C ILE B 133 -17.82 0.37 -24.58
N LYS B 134 -16.52 0.40 -24.77
CA LYS B 134 -15.69 1.59 -24.52
C LYS B 134 -15.28 2.29 -25.83
N LEU B 135 -15.57 3.58 -25.93
CA LEU B 135 -15.23 4.33 -27.15
C LEU B 135 -14.16 5.34 -26.87
N ASP B 136 -13.21 5.46 -27.79
CA ASP B 136 -12.14 6.46 -27.77
C ASP B 136 -12.74 7.60 -28.56
N THR B 137 -13.03 8.72 -27.90
CA THR B 137 -13.66 9.84 -28.56
C THR B 137 -12.75 11.02 -28.89
N GLY B 138 -11.45 10.78 -29.05
CA GLY B 138 -10.55 11.90 -29.42
C GLY B 138 -9.21 11.99 -28.72
N MET B 139 -9.14 11.62 -27.45
CA MET B 139 -7.87 11.69 -26.70
C MET B 139 -7.00 10.44 -26.80
N GLY B 140 -7.57 9.35 -27.26
CA GLY B 140 -6.79 8.13 -27.42
C GLY B 140 -7.04 7.09 -26.36
N ARG B 141 -7.16 7.48 -25.09
CA ARG B 141 -7.40 6.48 -24.06
C ARG B 141 -8.11 5.34 -24.75
N LEU B 142 -7.31 4.29 -25.05
CA LEU B 142 -7.75 3.09 -25.78
C LEU B 142 -9.24 2.80 -25.74
N GLY B 143 -9.79 2.49 -26.91
CA GLY B 143 -11.19 2.18 -27.05
C GLY B 143 -11.54 2.21 -28.53
N ILE B 144 -12.76 1.85 -28.87
CA ILE B 144 -13.18 1.86 -30.26
C ILE B 144 -13.28 3.30 -30.80
N LYS B 145 -12.52 3.61 -31.84
CA LYS B 145 -12.54 4.96 -32.41
C LYS B 145 -13.61 5.23 -33.45
N ASP B 146 -13.87 4.22 -34.28
CA ASP B 146 -14.80 4.39 -35.39
C ASP B 146 -16.18 3.75 -35.22
N THR B 147 -17.16 4.47 -35.76
CA THR B 147 -18.54 4.08 -35.71
C THR B 147 -18.77 2.73 -36.37
N LYS B 148 -18.04 2.48 -37.45
CA LYS B 148 -18.17 1.24 -38.18
C LYS B 148 -17.89 0.09 -37.20
N THR B 149 -16.65 0.01 -36.76
CA THR B 149 -16.27 -1.01 -35.81
C THR B 149 -17.29 -1.02 -34.66
N TYR B 150 -17.79 0.15 -34.27
CA TYR B 150 -18.77 0.23 -33.18
C TYR B 150 -19.99 -0.57 -33.57
N GLN B 151 -20.48 -0.31 -34.78
CA GLN B 151 -21.66 -1.00 -35.31
C GLN B 151 -21.41 -2.48 -35.52
N GLU B 152 -20.18 -2.82 -35.90
CA GLU B 152 -19.79 -4.21 -36.12
C GLU B 152 -19.74 -4.96 -34.78
N VAL B 153 -19.27 -4.29 -33.73
CA VAL B 153 -19.19 -4.92 -32.40
C VAL B 153 -20.57 -5.26 -31.84
N ILE B 154 -21.53 -4.37 -32.04
CA ILE B 154 -22.87 -4.61 -31.56
C ILE B 154 -23.45 -5.81 -32.31
N GLU B 155 -23.46 -5.72 -33.63
CA GLU B 155 -24.03 -6.77 -34.44
C GLU B 155 -23.53 -8.11 -33.90
N ILE B 156 -22.27 -8.17 -33.53
CA ILE B 156 -21.70 -9.39 -33.01
C ILE B 156 -22.37 -9.78 -31.70
N ILE B 157 -22.73 -8.81 -30.87
CA ILE B 157 -23.40 -9.10 -29.59
C ILE B 157 -24.74 -9.72 -29.88
N GLN B 158 -25.40 -9.16 -30.89
CA GLN B 158 -26.73 -9.60 -31.32
C GLN B 158 -26.74 -11.06 -31.80
N GLN B 159 -25.60 -11.56 -32.25
CA GLN B 159 -25.52 -12.96 -32.73
C GLN B 159 -25.57 -13.99 -31.60
N TYR B 160 -25.24 -13.59 -30.39
CA TYR B 160 -25.23 -14.48 -29.23
C TYR B 160 -26.22 -14.01 -28.19
N GLU B 161 -27.18 -14.87 -27.90
CA GLU B 161 -28.22 -14.57 -26.92
C GLU B 161 -27.59 -14.41 -25.54
N GLN B 162 -26.43 -15.03 -25.33
CA GLN B 162 -25.76 -14.96 -24.05
C GLN B 162 -25.01 -13.64 -23.82
N LEU B 163 -24.63 -12.92 -24.89
CA LEU B 163 -23.92 -11.63 -24.78
C LEU B 163 -24.93 -10.48 -24.70
N VAL B 164 -24.75 -9.57 -23.73
CA VAL B 164 -25.67 -8.43 -23.61
C VAL B 164 -24.99 -7.07 -23.68
N PHE B 165 -25.45 -6.26 -24.64
CA PHE B 165 -24.97 -4.90 -24.85
C PHE B 165 -25.70 -4.01 -23.85
N GLU B 166 -25.14 -3.93 -22.65
CA GLU B 166 -25.73 -3.21 -21.55
C GLU B 166 -25.36 -1.74 -21.52
N GLY B 167 -24.18 -1.40 -22.03
CA GLY B 167 -23.79 -0.02 -22.01
C GLY B 167 -22.66 0.37 -22.93
N VAL B 168 -22.52 1.68 -23.07
CA VAL B 168 -21.47 2.25 -23.91
C VAL B 168 -21.01 3.43 -23.10
N PHE B 169 -19.73 3.72 -23.15
CA PHE B 169 -19.21 4.83 -22.39
C PHE B 169 -17.92 5.31 -22.95
N THR B 170 -17.45 6.41 -22.37
CA THR B 170 -16.18 6.96 -22.77
C THR B 170 -15.62 7.66 -21.53
N HIS B 171 -14.37 8.04 -21.62
N HIS B 171 -14.39 8.11 -21.60
CA HIS B 171 -13.66 8.76 -20.57
CA HIS B 171 -13.78 8.78 -20.48
C HIS B 171 -13.19 10.08 -21.11
C HIS B 171 -13.10 10.03 -20.98
N PHE B 172 -13.56 11.17 -20.48
CA PHE B 172 -13.03 12.46 -20.88
C PHE B 172 -11.63 12.51 -20.29
N ALA B 173 -10.71 13.10 -21.02
CA ALA B 173 -9.34 13.15 -20.56
C ALA B 173 -9.00 14.37 -19.72
N CYS B 174 -9.64 15.50 -20.03
CA CYS B 174 -9.31 16.74 -19.36
C CYS B 174 -10.51 17.52 -18.85
N ALA B 175 -11.32 16.88 -18.00
CA ALA B 175 -12.49 17.51 -17.40
C ALA B 175 -12.09 18.28 -16.15
N ASP B 176 -10.86 18.06 -15.69
CA ASP B 176 -10.29 18.72 -14.52
C ASP B 176 -9.59 20.02 -14.90
N GLU B 177 -9.65 20.36 -16.18
CA GLU B 177 -9.02 21.58 -16.72
C GLU B 177 -9.97 22.29 -17.67
N PRO B 178 -9.67 23.57 -17.99
CA PRO B 178 -10.51 24.35 -18.87
C PRO B 178 -10.21 24.11 -20.34
N GLY B 179 -11.24 24.18 -21.18
CA GLY B 179 -11.10 23.97 -22.61
C GLY B 179 -12.30 23.28 -23.25
N ASP B 180 -12.31 23.27 -24.58
CA ASP B 180 -13.40 22.66 -25.34
C ASP B 180 -13.22 21.17 -25.57
N MET B 181 -12.06 20.63 -25.21
CA MET B 181 -11.80 19.21 -25.42
C MET B 181 -12.96 18.34 -24.89
N THR B 182 -13.34 18.53 -23.64
CA THR B 182 -14.42 17.76 -23.06
C THR B 182 -15.66 17.89 -23.93
N THR B 183 -16.06 19.12 -24.24
CA THR B 183 -17.25 19.32 -25.05
C THR B 183 -17.14 18.66 -26.42
N GLU B 184 -16.02 18.88 -27.10
CA GLU B 184 -15.80 18.29 -28.42
C GLU B 184 -15.91 16.76 -28.39
N GLN B 185 -15.38 16.16 -27.33
CA GLN B 185 -15.44 14.70 -27.15
C GLN B 185 -16.84 14.26 -26.74
N TYR B 186 -17.52 15.10 -25.99
CA TYR B 186 -18.89 14.81 -25.60
C TYR B 186 -19.73 14.71 -26.86
N GLN B 187 -19.42 15.53 -27.86
CA GLN B 187 -20.13 15.53 -29.14
C GLN B 187 -19.80 14.33 -29.98
N ARG B 188 -18.52 14.00 -30.06
CA ARG B 188 -18.12 12.82 -30.81
C ARG B 188 -18.86 11.64 -30.18
N PHE B 189 -18.90 11.60 -28.87
CA PHE B 189 -19.55 10.52 -28.15
C PHE B 189 -20.99 10.37 -28.62
N LYS B 190 -21.73 11.48 -28.64
CA LYS B 190 -23.12 11.47 -29.11
C LYS B 190 -23.20 10.99 -30.53
N ASP B 191 -22.39 11.58 -31.40
CA ASP B 191 -22.39 11.23 -32.82
C ASP B 191 -22.24 9.72 -33.03
N MET B 192 -21.42 9.08 -32.22
CA MET B 192 -21.23 7.65 -32.38
C MET B 192 -22.44 6.91 -31.84
N VAL B 193 -22.85 7.24 -30.62
CA VAL B 193 -23.97 6.57 -29.99
C VAL B 193 -25.25 6.64 -30.83
N ASN B 194 -25.55 7.81 -31.38
CA ASN B 194 -26.78 8.02 -32.18
C ASN B 194 -26.81 7.33 -33.55
N GLU B 195 -25.82 6.49 -33.80
CA GLU B 195 -25.72 5.77 -35.09
C GLU B 195 -25.96 4.31 -34.91
N ALA B 196 -26.41 3.92 -33.72
CA ALA B 196 -26.71 2.55 -33.43
C ALA B 196 -27.74 2.52 -32.32
N ILE B 197 -28.29 1.34 -32.07
CA ILE B 197 -29.28 1.15 -31.01
C ILE B 197 -28.64 1.61 -29.73
N LYS B 198 -29.40 2.31 -28.88
CA LYS B 198 -28.90 2.79 -27.60
C LYS B 198 -29.10 1.75 -26.49
N PRO B 199 -28.04 1.44 -25.73
CA PRO B 199 -28.09 0.47 -24.64
C PRO B 199 -28.62 1.10 -23.38
N GLU B 200 -29.06 0.29 -22.43
CA GLU B 200 -29.66 0.76 -21.17
C GLU B 200 -28.78 1.76 -20.42
N TYR B 201 -27.45 1.57 -20.45
CA TYR B 201 -26.57 2.49 -19.74
C TYR B 201 -25.63 3.25 -20.66
N ILE B 202 -25.68 4.57 -20.55
CA ILE B 202 -24.87 5.49 -21.32
C ILE B 202 -24.19 6.38 -20.30
N HIS B 203 -22.86 6.31 -20.19
CA HIS B 203 -22.17 7.10 -19.19
C HIS B 203 -20.84 7.65 -19.66
N CYS B 204 -20.57 8.90 -19.30
CA CYS B 204 -19.37 9.55 -19.76
C CYS B 204 -18.63 10.42 -18.72
N GLN B 205 -19.20 10.63 -17.53
CA GLN B 205 -18.59 11.52 -16.56
C GLN B 205 -18.00 10.88 -15.34
N ASN B 206 -16.81 11.37 -14.98
CA ASN B 206 -16.13 11.05 -13.73
C ASN B 206 -16.53 12.12 -12.71
N SER B 207 -15.83 12.21 -11.60
CA SER B 207 -16.13 13.27 -10.61
C SER B 207 -16.20 14.64 -11.28
N ALA B 208 -15.13 14.97 -12.01
CA ALA B 208 -15.01 16.24 -12.69
C ALA B 208 -16.19 16.50 -13.61
N GLY B 209 -16.39 15.60 -14.57
CA GLY B 209 -17.44 15.77 -15.54
C GLY B 209 -18.76 15.94 -14.86
N SER B 210 -18.96 15.18 -13.79
CA SER B 210 -20.19 15.23 -13.04
C SER B 210 -20.36 16.55 -12.28
N LEU B 211 -19.28 17.12 -11.77
CA LEU B 211 -19.38 18.39 -11.06
C LEU B 211 -19.50 19.58 -12.01
N LEU B 212 -18.96 19.45 -13.21
CA LEU B 212 -18.90 20.58 -14.16
C LEU B 212 -19.89 20.65 -15.33
N MET B 213 -20.43 19.51 -15.77
CA MET B 213 -21.34 19.49 -16.91
C MET B 213 -22.61 18.78 -16.54
N ASP B 214 -23.62 18.88 -17.39
CA ASP B 214 -24.89 18.23 -17.11
C ASP B 214 -24.96 16.91 -17.89
N CYS B 215 -24.62 16.98 -19.18
CA CYS B 215 -24.61 15.82 -20.07
C CYS B 215 -25.90 15.00 -19.98
N GLN B 216 -26.99 15.52 -20.53
CA GLN B 216 -28.27 14.81 -20.47
C GLN B 216 -28.35 13.58 -21.36
N PHE B 217 -27.45 13.49 -22.33
CA PHE B 217 -27.44 12.33 -23.21
C PHE B 217 -27.00 11.11 -22.39
N CYS B 218 -25.95 11.28 -21.59
CA CYS B 218 -25.41 10.22 -20.74
C CYS B 218 -26.37 9.99 -19.56
N ASN B 219 -26.96 8.79 -19.45
CA ASN B 219 -27.90 8.48 -18.36
C ASN B 219 -27.27 7.87 -17.09
N ALA B 220 -25.96 7.84 -17.02
CA ALA B 220 -25.30 7.34 -15.80
C ALA B 220 -24.03 8.11 -15.61
N ILE B 221 -23.62 8.25 -14.36
CA ILE B 221 -22.38 8.96 -14.00
C ILE B 221 -21.46 8.08 -13.15
N ARG B 222 -20.18 8.42 -13.19
CA ARG B 222 -19.16 7.68 -12.50
C ARG B 222 -18.30 8.55 -11.58
N PRO B 223 -18.88 9.10 -10.52
CA PRO B 223 -18.04 9.86 -9.60
C PRO B 223 -17.14 8.90 -8.82
N GLY B 224 -15.92 9.31 -8.55
CA GLY B 224 -15.00 8.48 -7.81
C GLY B 224 -14.41 9.21 -6.63
N ILE B 225 -13.31 9.91 -6.86
CA ILE B 225 -12.63 10.61 -5.77
C ILE B 225 -13.57 11.50 -4.98
N SER B 226 -14.51 12.15 -5.67
CA SER B 226 -15.39 13.10 -5.00
C SER B 226 -16.44 12.46 -4.08
N LEU B 227 -16.74 11.18 -4.30
CA LEU B 227 -17.61 10.45 -3.38
C LEU B 227 -17.01 10.48 -2.00
N TYR B 228 -15.69 10.56 -1.94
CA TYR B 228 -14.99 10.50 -0.66
C TYR B 228 -14.66 11.87 -0.10
N GLY B 229 -15.14 12.90 -0.80
CA GLY B 229 -15.03 14.27 -0.36
C GLY B 229 -13.88 15.09 -0.86
N TYR B 230 -13.26 14.67 -1.97
CA TYR B 230 -12.13 15.40 -2.52
C TYR B 230 -12.37 15.89 -3.95
N TYR B 231 -11.96 17.12 -4.22
CA TYR B 231 -12.15 17.67 -5.53
C TYR B 231 -11.09 17.07 -6.41
N PRO B 232 -11.44 16.77 -7.68
CA PRO B 232 -10.41 16.15 -8.51
C PRO B 232 -9.29 17.12 -8.83
N SER B 233 -9.54 18.41 -8.73
CA SER B 233 -8.47 19.40 -8.90
C SER B 233 -8.90 20.74 -8.27
N GLU B 234 -7.95 21.67 -8.14
CA GLU B 234 -8.21 22.95 -7.53
C GLU B 234 -9.08 23.78 -8.46
N TYR B 235 -8.86 23.61 -9.75
CA TYR B 235 -9.64 24.32 -10.75
C TYR B 235 -11.12 23.94 -10.69
N VAL B 236 -11.41 22.68 -10.41
CA VAL B 236 -12.78 22.25 -10.29
C VAL B 236 -13.32 22.81 -8.98
N GLN B 237 -12.50 22.77 -7.93
CA GLN B 237 -12.91 23.28 -6.60
C GLN B 237 -13.25 24.75 -6.67
N GLN B 238 -12.44 25.51 -7.42
CA GLN B 238 -12.64 26.98 -7.56
C GLN B 238 -13.72 27.37 -8.58
N LYS B 239 -14.37 26.40 -9.20
CA LYS B 239 -15.37 26.66 -10.20
C LYS B 239 -16.77 26.16 -9.80
N VAL B 240 -16.86 25.18 -8.89
CA VAL B 240 -18.18 24.67 -8.51
C VAL B 240 -18.60 25.08 -7.09
N LYS B 241 -19.91 25.23 -6.89
CA LYS B 241 -20.50 25.58 -5.59
C LYS B 241 -20.58 24.37 -4.68
N VAL B 242 -20.99 23.23 -5.24
CA VAL B 242 -21.10 21.98 -4.51
C VAL B 242 -20.05 21.84 -3.41
N HIS B 243 -20.49 21.53 -2.21
CA HIS B 243 -19.59 21.33 -1.08
C HIS B 243 -19.40 19.83 -0.78
N LEU B 244 -18.15 19.41 -0.76
CA LEU B 244 -17.77 18.02 -0.51
C LEU B 244 -17.21 17.89 0.88
N LYS B 245 -17.56 16.82 1.58
CA LYS B 245 -17.09 16.57 2.92
C LYS B 245 -16.01 15.47 2.95
N PRO B 246 -14.74 15.86 3.19
CA PRO B 246 -13.66 14.91 3.29
C PRO B 246 -13.97 13.83 4.32
N SER B 247 -13.71 12.58 3.96
CA SER B 247 -14.05 11.42 4.78
C SER B 247 -12.92 10.70 5.50
N VAL B 248 -11.68 11.17 5.38
CA VAL B 248 -10.58 10.47 6.00
C VAL B 248 -9.76 11.26 6.97
N GLN B 249 -9.40 10.61 8.07
CA GLN B 249 -8.44 11.16 9.02
C GLN B 249 -7.35 10.11 9.24
N LEU B 250 -6.12 10.55 9.39
CA LEU B 250 -5.06 9.60 9.69
C LEU B 250 -4.57 10.04 11.05
N ILE B 251 -4.68 9.13 12.01
CA ILE B 251 -4.27 9.43 13.36
C ILE B 251 -3.25 8.47 13.96
N ALA B 252 -2.40 8.99 14.84
CA ALA B 252 -1.49 8.17 15.64
C ALA B 252 -1.39 8.87 17.00
N ASN B 253 -1.08 8.10 18.05
CA ASN B 253 -0.91 8.64 19.41
C ASN B 253 0.56 8.58 19.69
N VAL B 254 1.06 9.50 20.47
CA VAL B 254 2.48 9.58 20.81
C VAL B 254 2.80 8.44 21.71
N VAL B 255 3.83 7.67 21.37
CA VAL B 255 4.13 6.54 22.25
C VAL B 255 5.12 6.94 23.36
N GLN B 256 6.03 7.87 23.07
CA GLN B 256 7.04 8.33 24.06
C GLN B 256 7.58 9.72 23.67
N THR B 257 8.09 10.46 24.65
CA THR B 257 8.65 11.77 24.41
C THR B 257 10.07 11.79 24.94
N LYS B 258 10.89 12.67 24.39
CA LYS B 258 12.24 12.80 24.84
C LYS B 258 12.65 14.24 24.62
N THR B 259 13.43 14.74 25.55
CA THR B 259 13.86 16.11 25.48
C THR B 259 15.29 16.10 25.04
N LEU B 260 15.59 16.95 24.07
CA LEU B 260 16.94 17.10 23.55
C LEU B 260 17.55 18.39 24.05
N GLN B 261 18.86 18.51 23.86
CA GLN B 261 19.60 19.71 24.22
C GLN B 261 20.30 20.21 22.98
N ALA B 262 20.82 21.45 23.04
CA ALA B 262 21.55 22.03 21.91
C ALA B 262 20.79 21.91 20.60
N ASP B 276 18.43 24.67 19.27
CA ASP B 276 17.54 25.04 20.37
C ASP B 276 17.14 23.77 21.11
N PRO B 277 17.07 23.82 22.45
CA PRO B 277 16.58 22.63 23.13
C PRO B 277 15.13 22.40 22.72
N THR B 278 14.73 21.13 22.57
CA THR B 278 13.34 20.85 22.26
C THR B 278 12.91 19.48 22.75
N THR B 279 11.62 19.23 22.66
CA THR B 279 11.08 17.95 23.01
C THR B 279 10.64 17.31 21.72
N ILE B 280 10.99 16.03 21.54
CA ILE B 280 10.54 15.29 20.39
C ILE B 280 9.55 14.22 20.81
N ALA B 281 8.62 13.90 19.91
CA ALA B 281 7.58 12.91 20.16
C ALA B 281 7.72 11.81 19.14
N LEU B 282 7.62 10.55 19.59
CA LEU B 282 7.78 9.43 18.72
C LEU B 282 6.40 8.82 18.43
N LEU B 283 6.06 8.71 17.14
CA LEU B 283 4.77 8.22 16.69
C LEU B 283 4.96 6.83 16.08
N PRO B 284 4.01 5.93 16.33
CA PRO B 284 4.10 4.60 15.84
C PRO B 284 3.46 4.51 14.49
N ILE B 285 4.03 5.18 13.52
CA ILE B 285 3.54 5.13 12.14
C ILE B 285 4.71 5.50 11.22
N GLY B 286 4.81 4.92 10.04
CA GLY B 286 5.91 5.26 9.15
C GLY B 286 5.63 4.95 7.72
N TYR B 287 6.66 4.94 6.88
CA TYR B 287 6.45 4.68 5.43
C TYR B 287 5.86 3.30 5.09
N ALA B 288 6.02 2.28 5.94
CA ALA B 288 5.36 1.00 5.65
C ALA B 288 3.83 1.12 5.76
N ASP B 289 3.35 2.22 6.37
CA ASP B 289 1.94 2.49 6.51
C ASP B 289 1.45 3.46 5.41
N GLY B 290 2.38 4.05 4.65
CA GLY B 290 2.02 4.99 3.56
C GLY B 290 2.33 6.43 3.91
N TYR B 291 2.86 6.67 5.11
CA TYR B 291 3.28 8.00 5.45
C TYR B 291 4.74 8.04 4.97
N LEU B 292 4.92 8.40 3.69
CA LEU B 292 6.22 8.34 3.01
C LEU B 292 7.36 9.17 3.59
N ARG B 293 8.58 8.76 3.25
CA ARG B 293 9.80 9.40 3.74
C ARG B 293 9.90 10.87 3.43
N ILE B 294 9.29 11.27 2.33
CA ILE B 294 9.32 12.65 1.88
C ILE B 294 8.44 13.55 2.79
N MET B 295 7.68 12.94 3.72
CA MET B 295 6.86 13.73 4.62
C MET B 295 7.74 14.49 5.62
N GLN B 296 9.01 14.13 5.73
CA GLN B 296 9.91 14.88 6.59
C GLN B 296 9.83 16.34 6.18
N GLY B 297 9.62 17.24 7.13
CA GLY B 297 9.51 18.67 6.83
C GLY B 297 8.06 19.17 6.88
N SER B 298 7.12 18.23 6.98
CA SER B 298 5.71 18.50 7.13
C SER B 298 5.35 18.89 8.54
N PHE B 299 4.06 19.17 8.73
CA PHE B 299 3.49 19.54 10.00
C PHE B 299 2.30 18.67 10.30
N VAL B 300 2.12 18.40 11.57
CA VAL B 300 1.03 17.57 12.01
C VAL B 300 0.41 18.31 13.16
N ASN B 301 -0.79 17.91 13.51
CA ASN B 301 -1.49 18.58 14.56
C ASN B 301 -1.51 17.74 15.85
N VAL B 302 -0.74 18.19 16.83
CA VAL B 302 -0.67 17.55 18.15
C VAL B 302 -1.42 18.55 19.02
N ASN B 303 -2.62 18.17 19.47
CA ASN B 303 -3.49 19.06 20.27
C ASN B 303 -3.54 20.50 19.80
N GLY B 304 -3.89 20.71 18.54
CA GLY B 304 -4.00 22.05 18.00
C GLY B 304 -2.68 22.74 17.76
N HIS B 305 -1.57 22.12 18.14
CA HIS B 305 -0.26 22.73 17.88
C HIS B 305 0.33 22.15 16.61
N GLN B 306 0.75 23.03 15.71
CA GLN B 306 1.38 22.60 14.48
C GLN B 306 2.82 22.25 14.85
N CYS B 307 3.20 21.00 14.59
CA CYS B 307 4.52 20.51 14.94
C CYS B 307 5.17 19.91 13.72
N GLU B 308 6.46 20.12 13.56
CA GLU B 308 7.18 19.67 12.38
C GLU B 308 7.65 18.23 12.50
N VAL B 309 7.63 17.51 11.38
CA VAL B 309 8.12 16.15 11.34
C VAL B 309 9.61 16.28 11.05
N ILE B 310 10.46 15.85 11.99
CA ILE B 310 11.90 15.98 11.87
C ILE B 310 12.61 14.65 11.82
N GLY B 311 13.84 14.73 11.33
CA GLY B 311 14.67 13.57 11.13
C GLY B 311 14.07 12.73 10.03
N ARG B 312 14.65 11.57 9.82
CA ARG B 312 14.16 10.66 8.81
C ARG B 312 12.88 9.99 9.30
N VAL B 313 11.88 9.88 8.42
CA VAL B 313 10.66 9.11 8.71
C VAL B 313 11.12 7.66 8.50
N CYS B 314 10.91 6.81 9.50
N CYS B 314 10.92 6.82 9.52
CA CYS B 314 11.32 5.41 9.43
CA CYS B 314 11.32 5.41 9.46
C CYS B 314 10.18 4.48 9.00
C CYS B 314 10.19 4.50 8.96
N MET B 315 10.49 3.21 8.81
CA MET B 315 9.49 2.25 8.34
C MET B 315 8.30 2.19 9.28
N ASP B 316 8.59 2.24 10.57
CA ASP B 316 7.59 2.10 11.62
C ASP B 316 7.43 3.31 12.55
N GLN B 317 8.32 4.28 12.50
CA GLN B 317 8.21 5.44 13.38
C GLN B 317 8.45 6.77 12.67
N THR B 318 7.85 7.80 13.25
CA THR B 318 7.95 9.17 12.78
C THR B 318 8.25 10.00 14.02
N ILE B 319 9.14 10.99 13.89
CA ILE B 319 9.50 11.85 15.00
C ILE B 319 9.03 13.28 14.74
N VAL B 320 8.39 13.89 15.73
CA VAL B 320 7.86 15.25 15.60
C VAL B 320 8.39 16.19 16.66
N LYS B 321 8.76 17.40 16.24
CA LYS B 321 9.28 18.41 17.11
C LYS B 321 8.07 18.97 17.82
N VAL B 322 8.07 18.98 19.16
CA VAL B 322 6.88 19.39 19.89
C VAL B 322 7.12 20.28 21.09
N PRO B 323 6.07 20.99 21.53
CA PRO B 323 6.21 21.77 22.73
C PRO B 323 6.41 20.81 23.91
N ASP B 324 7.08 21.29 24.94
CA ASP B 324 7.38 20.50 26.10
C ASP B 324 6.14 19.98 26.85
N GLN B 325 4.97 20.55 26.57
CA GLN B 325 3.73 20.15 27.25
C GLN B 325 3.07 18.91 26.67
N VAL B 326 3.62 18.39 25.56
CA VAL B 326 3.10 17.18 24.90
C VAL B 326 3.55 15.94 25.68
N LYS B 327 2.71 14.92 25.66
CA LYS B 327 2.93 13.69 26.41
C LYS B 327 2.48 12.42 25.73
N ALA B 328 3.03 11.30 26.19
CA ALA B 328 2.66 9.98 25.70
C ALA B 328 1.15 9.84 25.75
N GLY B 329 0.55 9.29 24.71
CA GLY B 329 -0.90 9.12 24.68
C GLY B 329 -1.63 10.21 23.91
N ASP B 330 -1.03 11.40 23.77
CA ASP B 330 -1.70 12.48 23.04
C ASP B 330 -1.95 12.11 21.55
N SER B 331 -3.13 12.46 21.02
CA SER B 331 -3.48 12.21 19.64
C SER B 331 -2.83 13.18 18.69
N VAL B 332 -2.36 12.65 17.58
CA VAL B 332 -1.77 13.45 16.54
C VAL B 332 -2.58 13.26 15.30
N ILE B 333 -2.92 14.35 14.63
CA ILE B 333 -3.62 14.29 13.35
C ILE B 333 -2.59 14.44 12.24
N LEU B 334 -2.41 13.41 11.39
CA LEU B 334 -1.46 13.51 10.28
C LEU B 334 -2.11 13.97 8.93
N ILE B 335 -3.37 13.58 8.75
CA ILE B 335 -4.20 13.93 7.58
C ILE B 335 -5.52 14.30 8.19
N ASP B 336 -6.01 15.51 7.95
CA ASP B 336 -7.24 15.93 8.59
C ASP B 336 -8.39 15.93 7.61
N ASN B 337 -9.62 15.82 8.12
CA ASN B 337 -10.80 15.81 7.25
C ASN B 337 -11.33 17.19 6.86
N HIS B 338 -10.42 18.09 6.54
CA HIS B 338 -10.80 19.42 6.12
C HIS B 338 -9.91 19.80 4.97
N ARG B 339 -10.42 20.59 4.05
N ARG B 339 -10.45 20.58 4.03
CA ARG B 339 -9.64 20.99 2.89
CA ARG B 339 -9.70 21.04 2.87
C ARG B 339 -8.74 22.18 3.24
C ARG B 339 -8.75 22.16 3.25
N GLU B 340 -9.27 23.13 4.00
CA GLU B 340 -8.51 24.32 4.42
C GLU B 340 -7.27 24.06 5.30
N SER B 341 -7.26 22.93 5.98
CA SER B 341 -6.21 22.55 6.90
C SER B 341 -4.82 22.35 6.30
N PRO B 342 -3.77 22.55 7.12
CA PRO B 342 -2.37 22.25 6.76
C PRO B 342 -2.08 20.75 6.78
N GLN B 343 -3.07 19.95 7.18
CA GLN B 343 -2.96 18.49 7.12
C GLN B 343 -4.02 17.94 6.17
N SER B 344 -4.54 18.78 5.27
CA SER B 344 -5.47 18.29 4.27
C SER B 344 -4.77 17.30 3.35
N VAL B 345 -5.55 16.48 2.67
CA VAL B 345 -5.01 15.49 1.71
C VAL B 345 -4.24 16.23 0.59
N GLU B 346 -4.72 17.40 0.18
CA GLU B 346 -4.05 18.15 -0.88
C GLU B 346 -2.73 18.75 -0.40
N VAL B 347 -2.64 19.17 0.86
CA VAL B 347 -1.36 19.73 1.31
C VAL B 347 -0.33 18.60 1.39
N VAL B 348 -0.77 17.44 1.83
CA VAL B 348 0.09 16.28 1.92
C VAL B 348 0.53 15.87 0.52
N ALA B 349 -0.41 15.98 -0.42
CA ALA B 349 -0.16 15.68 -1.83
C ALA B 349 0.95 16.58 -2.36
N GLU B 350 0.88 17.86 -2.03
CA GLU B 350 1.89 18.77 -2.54
C GLU B 350 3.23 18.38 -1.96
N LYS B 351 3.24 18.06 -0.69
CA LYS B 351 4.49 17.71 -0.04
C LYS B 351 5.05 16.47 -0.69
N GLN B 352 4.17 15.56 -1.09
CA GLN B 352 4.61 14.34 -1.74
C GLN B 352 4.80 14.53 -3.25
N HIS B 353 4.68 15.76 -3.74
CA HIS B 353 4.81 16.06 -5.17
C HIS B 353 3.97 15.12 -6.01
N THR B 354 2.71 14.94 -5.63
CA THR B 354 1.83 14.06 -6.35
C THR B 354 0.43 14.62 -6.23
N ILE B 355 -0.58 13.78 -6.41
CA ILE B 355 -1.95 14.20 -6.37
C ILE B 355 -2.69 13.50 -5.28
N ASN B 356 -3.78 14.12 -4.85
CA ASN B 356 -4.57 13.61 -3.76
C ASN B 356 -4.93 12.13 -3.87
N TYR B 357 -5.24 11.68 -5.08
CA TYR B 357 -5.58 10.29 -5.34
C TYR B 357 -4.49 9.33 -4.81
N GLU B 358 -3.22 9.68 -5.01
CA GLU B 358 -2.14 8.78 -4.64
C GLU B 358 -1.89 8.79 -3.14
N VAL B 359 -2.05 9.94 -2.51
CA VAL B 359 -1.91 10.02 -1.07
C VAL B 359 -2.81 8.96 -0.38
N LEU B 360 -4.03 8.84 -0.89
CA LEU B 360 -5.02 7.91 -0.37
C LEU B 360 -4.67 6.44 -0.65
N CYS B 361 -4.21 6.18 -1.88
CA CYS B 361 -3.83 4.84 -2.29
C CYS B 361 -2.58 4.33 -1.55
N ASN B 362 -1.67 5.25 -1.17
CA ASN B 362 -0.45 4.89 -0.44
C ASN B 362 -0.69 4.24 0.94
N LEU B 363 -1.76 4.63 1.62
CA LEU B 363 -2.13 4.10 2.95
C LEU B 363 -2.21 2.54 2.94
N SER B 364 -1.32 1.91 3.71
CA SER B 364 -1.13 0.45 3.69
C SER B 364 -2.18 -0.36 4.36
N ARG B 365 -2.13 -1.66 4.07
CA ARG B 365 -2.95 -2.64 4.72
C ARG B 365 -2.66 -2.65 6.23
N ARG B 366 -1.47 -2.20 6.64
CA ARG B 366 -1.11 -2.23 8.09
C ARG B 366 -2.00 -1.29 8.93
N LEU B 367 -2.59 -0.28 8.32
CA LEU B 367 -3.48 0.65 9.05
C LEU B 367 -4.89 0.13 9.21
N PRO B 368 -5.40 0.12 10.46
CA PRO B 368 -6.79 -0.27 10.62
C PRO B 368 -7.69 0.84 10.15
N ARG B 369 -8.79 0.48 9.52
CA ARG B 369 -9.79 1.44 9.10
C ARG B 369 -10.89 1.37 10.14
N ILE B 370 -11.17 2.52 10.76
CA ILE B 370 -12.21 2.65 11.77
C ILE B 370 -13.34 3.43 11.12
N TYR B 371 -14.43 2.75 10.82
CA TYR B 371 -15.59 3.35 10.19
C TYR B 371 -16.57 3.98 11.18
N HIS B 372 -16.97 5.21 10.90
CA HIS B 372 -17.92 5.92 11.74
C HIS B 372 -19.21 6.04 10.98
N ASP B 373 -20.30 5.73 11.65
CA ASP B 373 -21.63 5.84 11.09
C ASP B 373 -22.54 6.29 12.23
N GLY B 374 -22.34 7.51 12.70
CA GLY B 374 -23.14 8.05 13.77
C GLY B 374 -23.00 7.27 15.07
N ASP B 375 -21.80 7.35 15.65
CA ASP B 375 -21.50 6.69 16.92
C ASP B 375 -21.62 5.17 16.89
N GLN B 376 -21.68 4.65 15.67
CA GLN B 376 -21.54 3.24 15.44
C GLN B 376 -20.10 3.18 14.95
N ARG B 377 -19.27 2.39 15.62
CA ARG B 377 -17.87 2.24 15.27
C ARG B 377 -17.63 0.81 14.83
N PHE B 378 -16.82 0.63 13.80
CA PHE B 378 -16.54 -0.70 13.28
C PHE B 378 -15.12 -0.73 12.74
N VAL B 379 -14.36 -1.74 13.11
CA VAL B 379 -12.98 -1.82 12.69
C VAL B 379 -12.69 -2.97 11.69
N THR B 380 -11.75 -2.67 10.82
CA THR B 380 -11.24 -3.58 9.82
C THR B 380 -9.71 -3.56 9.98
N ASN B 381 -9.12 -4.68 10.39
CA ASN B 381 -7.67 -4.80 10.56
C ASN B 381 -7.31 -5.96 9.67
N GLU B 382 -6.87 -5.67 8.45
CA GLU B 382 -6.58 -6.72 7.46
C GLU B 382 -5.58 -7.78 7.96
N LEU B 383 -4.68 -7.40 8.86
CA LEU B 383 -3.71 -8.32 9.42
C LEU B 383 -4.30 -9.45 10.29
N LEU B 384 -5.45 -9.20 10.92
CA LEU B 384 -6.12 -10.18 11.77
C LEU B 384 -7.39 -10.67 11.11
N LYS B 385 -7.56 -10.26 9.87
CA LYS B 385 -8.73 -10.54 9.08
C LYS B 385 -8.42 -11.76 8.27
NA NA C . 10.43 -12.08 36.97
C1 BME D . 22.66 6.64 7.33
C2 BME D . 21.61 6.32 8.39
O1 BME D . 22.27 6.11 6.04
S2 BME D . 21.81 7.45 9.79
C1 BME E . -5.62 9.63 -15.47
C2 BME E . -4.12 9.81 -15.28
O1 BME E . -6.11 10.67 -16.32
S2 BME E . -3.21 8.53 -16.18
P PO4 F . 17.56 -3.69 8.21
O1 PO4 F . 18.20 -3.20 6.94
O2 PO4 F . 18.43 -4.71 8.90
O3 PO4 F . 17.34 -2.48 9.11
O4 PO4 F . 16.24 -4.32 7.86
NA NA G . -26.94 -10.51 -27.67
C1 BME H . 16.33 3.86 10.46
C2 BME H . 15.76 4.61 9.24
O1 BME H . 17.08 4.76 11.28
S2 BME H . 14.50 5.79 9.78
P PO4 I . -12.38 10.26 -10.54
O1 PO4 I . -11.53 11.49 -10.57
O2 PO4 I . -12.21 9.55 -11.85
O3 PO4 I . -11.90 9.40 -9.39
O4 PO4 I . -13.84 10.51 -10.32
#